data_4RUK
#
_entry.id   4RUK
#
_cell.length_a   79.603
_cell.length_b   89.483
_cell.length_c   79.616
_cell.angle_alpha   90.00
_cell.angle_beta   97.93
_cell.angle_gamma   90.00
#
_symmetry.space_group_name_H-M   'P 1 21 1'
#
loop_
_entity.id
_entity.type
_entity.pdbx_description
1 polymer 'Phosphopantetheine adenylyltransferase'
2 non-polymer 'COENZYME A'
3 non-polymer 'DIMETHYL SULFOXIDE'
4 non-polymer 'FORMIC ACID'
5 non-polymer 'ACETATE ION'
6 non-polymer 'PYROPHOSPHATE 2-'
7 non-polymer GLYCEROL
8 non-polymer 'CALCIUM ION'
9 water water
#
_entity_poly.entity_id   1
_entity_poly.type   'polypeptide(L)'
_entity_poly.pdbx_seq_one_letter_code
;MNRVLYPGTFDPITKGHGDLIERASRLFDHVIIAVAASPKKNPLFSLEQRVALAQEVTKHLPNVEVVGFSTLLAHFVKEQ
KANVFLRGLRAVSDFEYEFQLANMNRQLAPDVESMFLTPSEKYSFISSTLVREIAALGGDISKFVHPAVADALAERFKR
;
_entity_poly.pdbx_strand_id   A,B,C,D,E,F
#
# COMPACT_ATOMS: atom_id res chain seq x y z
N ASN A 2 19.42 -6.96 -27.49
CA ASN A 2 18.70 -6.23 -26.43
C ASN A 2 19.39 -4.91 -26.09
N ARG A 3 18.68 -3.82 -26.33
CA ARG A 3 19.16 -2.51 -25.94
C ARG A 3 18.21 -1.93 -24.88
N VAL A 4 18.71 -1.67 -23.68
CA VAL A 4 17.78 -1.28 -22.61
C VAL A 4 17.87 0.22 -22.34
N LEU A 5 16.72 0.83 -22.13
CA LEU A 5 16.73 2.25 -21.83
C LEU A 5 16.19 2.47 -20.42
N TYR A 6 17.00 3.18 -19.63
CA TYR A 6 16.71 3.50 -18.23
C TYR A 6 16.44 5.01 -18.12
N PRO A 7 15.16 5.41 -18.18
CA PRO A 7 14.83 6.84 -18.16
C PRO A 7 14.65 7.36 -16.74
N GLY A 8 15.02 8.61 -16.52
CA GLY A 8 14.83 9.21 -15.20
C GLY A 8 15.28 10.66 -15.16
N THR A 9 14.93 11.33 -14.08
CA THR A 9 15.33 12.69 -13.87
C THR A 9 16.76 12.77 -13.35
N PHE A 10 17.09 11.81 -12.49
CA PHE A 10 18.43 11.69 -11.90
C PHE A 10 18.92 13.04 -11.40
N ASP A 11 18.22 13.57 -10.40
CA ASP A 11 18.54 14.90 -9.87
C ASP A 11 18.89 14.87 -8.38
N PRO A 12 20.12 14.45 -8.06
CA PRO A 12 21.14 13.91 -8.95
C PRO A 12 21.06 12.39 -8.96
N ILE A 13 21.89 11.74 -9.74
CA ILE A 13 21.98 10.29 -9.72
C ILE A 13 22.53 9.82 -8.35
N THR A 14 21.92 8.77 -7.81
CA THR A 14 22.29 8.29 -6.47
C THR A 14 22.88 6.86 -6.51
N LYS A 15 23.32 6.38 -5.34
CA LYS A 15 23.81 5.01 -5.21
C LYS A 15 22.72 3.98 -5.50
N GLY A 16 21.46 4.37 -5.29
CA GLY A 16 20.32 3.54 -5.64
C GLY A 16 20.27 3.35 -7.15
N HIS A 17 20.32 4.45 -7.90
CA HIS A 17 20.39 4.36 -9.37
C HIS A 17 21.64 3.62 -9.79
N GLY A 18 22.76 3.95 -9.15
CA GLY A 18 24.04 3.37 -9.49
C GLY A 18 24.02 1.86 -9.35
N ASP A 19 23.38 1.39 -8.29
CA ASP A 19 23.29 -0.05 -8.06
C ASP A 19 22.59 -0.74 -9.23
N LEU A 20 21.45 -0.18 -9.63
CA LEU A 20 20.65 -0.73 -10.72
C LEU A 20 21.40 -0.70 -12.04
N ILE A 21 22.19 0.33 -12.27
CA ILE A 21 22.91 0.46 -13.52
C ILE A 21 24.02 -0.59 -13.64
N GLU A 22 24.74 -0.79 -12.53
CA GLU A 22 25.74 -1.84 -12.41
C GLU A 22 25.10 -3.18 -12.76
N ARG A 23 23.96 -3.46 -12.13
CA ARG A 23 23.29 -4.74 -12.32
C ARG A 23 22.82 -4.86 -13.77
N ALA A 24 22.34 -3.77 -14.36
CA ALA A 24 21.84 -3.82 -15.73
C ALA A 24 22.97 -3.94 -16.74
N SER A 25 24.13 -3.41 -16.38
CA SER A 25 25.30 -3.47 -17.23
C SER A 25 25.77 -4.91 -17.43
N ARG A 26 25.61 -5.72 -16.39
CA ARG A 26 26.03 -7.11 -16.39
C ARG A 26 24.96 -7.98 -16.97
N LEU A 27 23.87 -7.38 -17.43
CA LEU A 27 22.74 -8.19 -17.83
C LEU A 27 22.39 -7.96 -19.31
N PHE A 28 22.72 -6.78 -19.81
CA PHE A 28 22.34 -6.42 -21.17
C PHE A 28 23.57 -6.02 -21.95
N ASP A 29 23.50 -6.17 -23.28
CA ASP A 29 24.58 -5.74 -24.14
C ASP A 29 24.76 -4.23 -24.18
N HIS A 30 23.66 -3.49 -24.18
CA HIS A 30 23.73 -2.03 -24.31
C HIS A 30 22.76 -1.36 -23.33
N VAL A 31 23.30 -0.50 -22.47
CA VAL A 31 22.47 0.21 -21.49
C VAL A 31 22.55 1.71 -21.75
N ILE A 32 21.40 2.31 -22.02
CA ILE A 32 21.32 3.75 -22.23
C ILE A 32 20.60 4.39 -21.07
N ILE A 33 21.32 5.24 -20.37
CA ILE A 33 20.75 6.05 -19.33
C ILE A 33 20.16 7.30 -20.01
N ALA A 34 18.86 7.43 -19.96
CA ALA A 34 18.16 8.53 -20.57
C ALA A 34 17.75 9.54 -19.50
N VAL A 35 18.49 10.65 -19.44
CA VAL A 35 18.21 11.69 -18.47
C VAL A 35 17.16 12.66 -19.01
N ALA A 36 15.99 12.67 -18.36
CA ALA A 36 14.89 13.49 -18.80
C ALA A 36 15.02 14.92 -18.28
N ALA A 37 14.91 15.90 -19.17
CA ALA A 37 14.77 17.30 -18.75
C ALA A 37 13.46 17.32 -18.06
N SER A 38 13.38 17.42 -16.77
CA SER A 38 12.02 17.32 -16.19
C SER A 38 11.61 18.69 -15.67
N PRO A 39 11.23 19.60 -16.56
CA PRO A 39 11.04 20.99 -16.10
C PRO A 39 10.02 21.11 -14.99
N LYS A 40 9.05 20.21 -14.89
CA LYS A 40 8.03 20.36 -13.86
C LYS A 40 8.51 19.89 -12.50
N LYS A 41 9.58 19.11 -12.44
CA LYS A 41 10.14 18.83 -11.11
C LYS A 41 11.00 19.97 -10.54
N ASN A 42 11.24 20.99 -11.35
CA ASN A 42 12.20 22.08 -11.09
C ASN A 42 13.55 21.57 -10.57
N PRO A 43 14.29 20.84 -11.43
CA PRO A 43 15.48 20.11 -10.97
C PRO A 43 16.54 21.02 -10.40
N LEU A 44 17.18 20.55 -9.33
CA LEU A 44 18.25 21.29 -8.70
C LEU A 44 19.42 21.47 -9.69
N PHE A 45 19.76 20.41 -10.40
CA PHE A 45 20.82 20.47 -11.38
C PHE A 45 20.30 20.63 -12.80
N SER A 46 21.04 21.35 -13.62
CA SER A 46 20.69 21.43 -15.03
C SER A 46 20.86 20.07 -15.68
N LEU A 47 20.18 19.89 -16.80
CA LEU A 47 20.22 18.67 -17.57
C LEU A 47 21.65 18.28 -17.93
N GLU A 48 22.39 19.28 -18.39
CA GLU A 48 23.79 19.10 -18.74
C GLU A 48 24.60 18.62 -17.54
N GLN A 49 24.38 19.22 -16.36
CA GLN A 49 25.05 18.79 -15.13
C GLN A 49 24.63 17.32 -14.79
N ARG A 50 23.33 17.01 -14.94
CA ARG A 50 22.82 15.69 -14.56
C ARG A 50 23.36 14.63 -15.51
N VAL A 51 23.43 14.95 -16.81
CA VAL A 51 24.11 14.10 -17.78
C VAL A 51 25.60 13.91 -17.44
N ALA A 52 26.29 15.00 -17.09
CA ALA A 52 27.71 14.87 -16.82
C ALA A 52 27.94 13.97 -15.60
N LEU A 53 27.13 14.16 -14.58
CA LEU A 53 27.27 13.37 -13.38
C LEU A 53 27.01 11.88 -13.65
N ALA A 54 25.96 11.60 -14.42
CA ALA A 54 25.64 10.22 -14.78
C ALA A 54 26.78 9.58 -15.62
N GLN A 55 27.40 10.39 -16.46
CA GLN A 55 28.48 9.91 -17.30
C GLN A 55 29.67 9.57 -16.41
N GLU A 56 29.96 10.46 -15.48
CA GLU A 56 31.09 10.30 -14.59
C GLU A 56 30.94 9.02 -13.77
N VAL A 57 29.75 8.82 -13.25
CA VAL A 57 29.44 7.69 -12.37
C VAL A 57 29.45 6.35 -13.14
N THR A 58 29.28 6.39 -14.46
CA THR A 58 29.20 5.18 -15.24
C THR A 58 30.30 4.99 -16.29
N LYS A 59 31.34 5.83 -16.26
CA LYS A 59 32.35 5.81 -17.32
C LYS A 59 33.20 4.53 -17.33
N HIS A 60 33.21 3.80 -16.21
CA HIS A 60 33.93 2.54 -16.10
C HIS A 60 33.16 1.37 -16.72
N LEU A 61 31.93 1.65 -17.18
CA LEU A 61 31.11 0.60 -17.76
C LEU A 61 30.99 0.82 -19.26
N PRO A 62 31.73 0.02 -20.05
CA PRO A 62 31.88 0.20 -21.49
C PRO A 62 30.59 0.04 -22.27
N ASN A 63 29.63 -0.71 -21.71
CA ASN A 63 28.38 -0.92 -22.43
C ASN A 63 27.24 0.01 -21.94
N VAL A 64 27.58 1.01 -21.12
CA VAL A 64 26.60 1.99 -20.63
C VAL A 64 26.90 3.39 -21.16
N GLU A 65 25.91 4.05 -21.74
CA GLU A 65 26.10 5.44 -22.18
C GLU A 65 24.95 6.31 -21.72
N VAL A 66 25.17 7.62 -21.73
CA VAL A 66 24.25 8.57 -21.13
C VAL A 66 23.81 9.59 -22.15
N VAL A 67 22.50 9.84 -22.21
CA VAL A 67 21.95 10.81 -23.14
C VAL A 67 20.90 11.64 -22.41
N GLY A 68 20.83 12.94 -22.71
CA GLY A 68 19.75 13.76 -22.18
C GLY A 68 18.67 13.86 -23.23
N PHE A 69 17.43 14.01 -22.80
CA PHE A 69 16.32 14.19 -23.74
C PHE A 69 15.20 15.01 -23.10
N SER A 70 14.48 15.74 -23.93
CA SER A 70 13.41 16.59 -23.45
C SER A 70 12.15 16.26 -24.21
N THR A 71 12.21 15.20 -25.02
CA THR A 71 11.06 14.80 -25.81
C THR A 71 10.23 13.70 -25.13
N LEU A 72 9.11 13.33 -25.76
CA LEU A 72 8.29 12.22 -25.26
C LEU A 72 9.11 10.92 -25.24
N LEU A 73 9.14 10.25 -24.08
CA LEU A 73 9.87 9.00 -23.91
C LEU A 73 9.49 7.99 -24.98
N ALA A 74 8.19 7.89 -25.27
CA ALA A 74 7.71 6.94 -26.25
C ALA A 74 8.25 7.22 -27.65
N HIS A 75 8.55 8.48 -27.92
CA HIS A 75 9.19 8.85 -29.17
C HIS A 75 10.70 8.64 -29.05
N PHE A 76 11.27 9.08 -27.94
CA PHE A 76 12.71 9.01 -27.76
C PHE A 76 13.26 7.59 -27.76
N VAL A 77 12.53 6.64 -27.18
CA VAL A 77 13.01 5.28 -27.12
C VAL A 77 13.08 4.70 -28.53
N LYS A 78 12.24 5.20 -29.43
CA LYS A 78 12.27 4.72 -30.80
C LYS A 78 13.45 5.33 -31.54
N GLU A 79 13.83 6.55 -31.17
CA GLU A 79 14.96 7.16 -31.82
C GLU A 79 16.26 6.47 -31.36
N GLN A 80 16.24 5.92 -30.16
CA GLN A 80 17.39 5.23 -29.60
C GLN A 80 17.43 3.75 -30.00
N LYS A 81 16.37 3.30 -30.67
CA LYS A 81 16.22 1.90 -31.08
C LYS A 81 16.37 0.94 -29.88
N ALA A 82 15.77 1.30 -28.75
CA ALA A 82 15.77 0.38 -27.60
C ALA A 82 14.46 -0.38 -27.58
N ASN A 83 14.53 -1.65 -27.19
CA ASN A 83 13.33 -2.48 -27.12
C ASN A 83 12.91 -2.77 -25.68
N VAL A 84 13.68 -2.26 -24.71
CA VAL A 84 13.34 -2.46 -23.30
C VAL A 84 13.50 -1.21 -22.45
N PHE A 85 12.47 -0.91 -21.66
CA PHE A 85 12.53 0.05 -20.58
C PHE A 85 12.96 -0.61 -19.30
N LEU A 86 13.87 0.04 -18.59
CA LEU A 86 14.19 -0.35 -17.21
C LEU A 86 13.73 0.72 -16.18
N ARG A 87 13.04 0.28 -15.14
CA ARG A 87 12.68 1.19 -14.06
C ARG A 87 12.98 0.50 -12.73
N GLY A 88 13.40 1.28 -11.73
CA GLY A 88 13.67 0.75 -10.42
C GLY A 88 12.42 0.72 -9.54
N LEU A 89 12.35 -0.27 -8.66
CA LEU A 89 11.29 -0.37 -7.68
C LEU A 89 11.86 -0.53 -6.27
N ARG A 90 11.48 0.35 -5.37
CA ARG A 90 11.92 0.24 -3.97
C ARG A 90 10.79 0.41 -2.95
N ALA A 91 9.72 1.11 -3.33
CA ALA A 91 8.57 1.29 -2.44
C ALA A 91 7.29 0.96 -3.19
N VAL A 92 6.21 0.64 -2.47
CA VAL A 92 4.99 0.22 -3.16
C VAL A 92 4.30 1.40 -3.86
N SER A 93 4.56 2.62 -3.41
CA SER A 93 4.01 3.78 -4.11
C SER A 93 4.77 3.96 -5.41
N ASP A 94 6.02 3.51 -5.45
CA ASP A 94 6.76 3.53 -6.71
C ASP A 94 6.10 2.59 -7.70
N PHE A 95 5.74 1.41 -7.20
CA PHE A 95 5.16 0.39 -8.03
C PHE A 95 3.86 0.80 -8.71
N GLU A 96 2.95 1.43 -7.97
CA GLU A 96 1.69 1.87 -8.57
C GLU A 96 1.90 2.85 -9.70
N TYR A 97 2.74 3.84 -9.47
CA TYR A 97 3.09 4.82 -10.49
C TYR A 97 3.76 4.14 -11.69
N GLU A 98 4.74 3.27 -11.44
CA GLU A 98 5.44 2.60 -12.54
C GLU A 98 4.46 1.71 -13.33
N PHE A 99 3.54 1.09 -12.60
CA PHE A 99 2.52 0.25 -13.21
C PHE A 99 1.70 1.07 -14.21
N GLN A 100 1.41 2.30 -13.84
CA GLN A 100 0.52 3.14 -14.62
C GLN A 100 1.26 3.73 -15.82
N LEU A 101 2.52 4.08 -15.62
CA LEU A 101 3.37 4.56 -16.70
C LEU A 101 3.63 3.45 -17.73
N ALA A 102 3.85 2.23 -17.27
CA ALA A 102 4.14 1.11 -18.14
C ALA A 102 2.97 0.73 -19.05
N ASN A 103 1.75 0.73 -18.51
CA ASN A 103 0.59 0.36 -19.32
C ASN A 103 0.24 1.46 -20.32
N MET A 104 0.67 2.67 -20.03
CA MET A 104 0.40 3.78 -20.92
C MET A 104 1.46 3.84 -22.03
N ASN A 105 2.70 3.56 -21.68
CA ASN A 105 3.76 3.42 -22.67
C ASN A 105 3.52 2.22 -23.56
N ARG A 106 2.82 1.23 -23.02
N ARG A 106 2.85 1.21 -23.01
CA ARG A 106 2.48 0.05 -23.81
CA ARG A 106 2.46 0.04 -23.78
C ARG A 106 1.51 0.49 -24.91
C ARG A 106 1.51 0.48 -24.89
N GLN A 107 0.73 1.54 -24.64
CA GLN A 107 -0.17 2.09 -25.65
C GLN A 107 0.58 2.98 -26.63
N LEU A 108 1.60 3.69 -26.15
CA LEU A 108 2.35 4.62 -26.97
C LEU A 108 3.52 3.93 -27.69
N ALA A 109 4.08 2.91 -27.07
CA ALA A 109 5.17 2.14 -27.65
C ALA A 109 4.97 0.65 -27.40
N PRO A 110 4.05 0.03 -28.16
CA PRO A 110 3.64 -1.36 -27.92
C PRO A 110 4.73 -2.39 -28.14
N ASP A 111 5.78 -2.04 -28.87
CA ASP A 111 6.82 -3.01 -29.19
C ASP A 111 7.98 -2.88 -28.21
N VAL A 112 7.79 -2.13 -27.13
CA VAL A 112 8.84 -1.96 -26.15
C VAL A 112 8.47 -2.63 -24.84
N GLU A 113 9.36 -3.47 -24.33
CA GLU A 113 9.09 -4.14 -23.08
C GLU A 113 9.43 -3.23 -21.88
N SER A 114 8.68 -3.36 -20.80
CA SER A 114 9.01 -2.71 -19.53
C SER A 114 9.41 -3.70 -18.44
N MET A 115 10.60 -3.52 -17.90
CA MET A 115 11.07 -4.37 -16.82
C MET A 115 11.53 -3.58 -15.60
N PHE A 116 11.55 -4.25 -14.45
CA PHE A 116 11.88 -3.63 -13.19
C PHE A 116 12.96 -4.40 -12.42
N LEU A 117 13.81 -3.64 -11.74
CA LEU A 117 14.77 -4.17 -10.78
C LEU A 117 14.57 -3.46 -9.45
N THR A 118 15.00 -4.10 -8.36
CA THR A 118 14.99 -3.44 -7.06
C THR A 118 16.42 -3.31 -6.61
N PRO A 119 16.77 -2.15 -6.04
CA PRO A 119 18.15 -2.02 -5.57
C PRO A 119 18.31 -2.85 -4.32
N SER A 120 19.54 -3.21 -3.98
CA SER A 120 19.78 -3.91 -2.73
C SER A 120 19.23 -3.08 -1.56
N GLU A 121 18.90 -3.77 -0.48
CA GLU A 121 18.34 -3.17 0.72
C GLU A 121 19.24 -2.05 1.25
N LYS A 122 20.53 -2.14 0.95
CA LYS A 122 21.52 -1.17 1.39
C LYS A 122 21.30 0.23 0.77
N TYR A 123 20.69 0.27 -0.42
CA TYR A 123 20.41 1.52 -1.14
C TYR A 123 18.92 1.78 -1.33
N SER A 124 18.11 0.91 -0.74
CA SER A 124 16.67 0.90 -0.96
C SER A 124 15.99 2.13 -0.43
N PHE A 125 16.49 2.64 0.67
CA PHE A 125 15.89 3.77 1.35
C PHE A 125 16.31 5.14 0.80
N ILE A 126 17.18 5.18 -0.21
CA ILE A 126 17.74 6.44 -0.68
C ILE A 126 16.86 7.15 -1.70
N SER A 127 16.41 8.34 -1.31
CA SER A 127 15.64 9.22 -2.16
C SER A 127 16.49 10.35 -2.71
N SER A 128 16.42 10.57 -4.01
CA SER A 128 17.10 11.70 -4.62
C SER A 128 16.59 13.01 -3.98
N THR A 129 15.29 13.05 -3.69
CA THR A 129 14.66 14.20 -3.07
C THR A 129 15.23 14.48 -1.69
N LEU A 130 15.35 13.44 -0.90
CA LEU A 130 15.85 13.62 0.44
C LEU A 130 17.34 14.01 0.40
N VAL A 131 18.08 13.44 -0.54
CA VAL A 131 19.47 13.83 -0.73
C VAL A 131 19.63 15.34 -1.01
N ARG A 132 18.78 15.88 -1.90
CA ARG A 132 18.77 17.33 -2.18
C ARG A 132 18.47 18.16 -0.93
N GLU A 133 17.43 17.79 -0.21
CA GLU A 133 16.99 18.56 0.95
C GLU A 133 18.01 18.53 2.06
N ILE A 134 18.57 17.35 2.32
CA ILE A 134 19.61 17.21 3.34
C ILE A 134 20.85 18.05 2.99
N ALA A 135 21.29 17.96 1.74
CA ALA A 135 22.46 18.72 1.29
C ALA A 135 22.18 20.21 1.37
N ALA A 136 20.95 20.62 1.01
CA ALA A 136 20.57 22.04 1.09
C ALA A 136 20.75 22.61 2.50
N LEU A 137 20.67 21.75 3.50
CA LEU A 137 20.81 22.18 4.89
C LEU A 137 22.16 21.83 5.50
N GLY A 138 23.13 21.51 4.65
CA GLY A 138 24.46 21.20 5.12
C GLY A 138 24.57 19.84 5.80
N GLY A 139 23.65 18.93 5.49
CA GLY A 139 23.83 17.60 6.02
C GLY A 139 24.77 16.84 5.09
N ASP A 140 25.54 15.93 5.66
CA ASP A 140 26.50 15.11 4.92
C ASP A 140 25.76 14.03 4.12
N ILE A 141 25.85 14.10 2.78
CA ILE A 141 25.16 13.09 1.96
C ILE A 141 26.11 12.16 1.23
N SER A 142 27.37 12.14 1.64
CA SER A 142 28.39 11.40 0.89
C SER A 142 28.18 9.88 0.94
N LYS A 143 27.40 9.39 1.90
CA LYS A 143 27.14 7.96 1.90
C LYS A 143 25.95 7.59 1.02
N PHE A 144 25.24 8.58 0.49
CA PHE A 144 24.10 8.23 -0.34
C PHE A 144 24.43 8.36 -1.83
N VAL A 145 25.58 8.95 -2.15
CA VAL A 145 25.95 9.20 -3.53
C VAL A 145 27.44 8.97 -3.80
N HIS A 146 27.76 8.80 -5.08
CA HIS A 146 29.10 8.71 -5.61
C HIS A 146 29.87 10.02 -5.31
N PRO A 147 31.19 9.92 -5.10
CA PRO A 147 32.03 11.08 -4.76
C PRO A 147 31.86 12.31 -5.68
N ALA A 148 31.70 12.09 -6.99
CA ALA A 148 31.51 13.22 -7.91
C ALA A 148 30.16 13.92 -7.65
N VAL A 149 29.16 13.13 -7.27
CA VAL A 149 27.84 13.70 -7.02
C VAL A 149 27.91 14.47 -5.73
N ALA A 150 28.58 13.91 -4.73
CA ALA A 150 28.77 14.61 -3.45
C ALA A 150 29.45 15.99 -3.63
N ASP A 151 30.50 16.06 -4.45
CA ASP A 151 31.17 17.33 -4.72
C ASP A 151 30.23 18.30 -5.38
N ALA A 152 29.45 17.81 -6.33
CA ALA A 152 28.51 18.65 -7.04
C ALA A 152 27.47 19.23 -6.10
N LEU A 153 26.99 18.43 -5.17
CA LEU A 153 26.01 18.90 -4.20
C LEU A 153 26.66 19.94 -3.29
N ALA A 154 27.90 19.72 -2.91
CA ALA A 154 28.61 20.67 -2.06
C ALA A 154 28.74 22.03 -2.74
N GLU A 155 29.18 22.01 -3.99
CA GLU A 155 29.36 23.25 -4.71
C GLU A 155 28.02 23.91 -5.04
N ARG A 156 26.96 23.10 -5.20
CA ARG A 156 25.67 23.62 -5.65
C ARG A 156 25.04 24.70 -4.75
N PHE A 157 25.31 24.62 -3.45
CA PHE A 157 24.63 25.50 -2.51
C PHE A 157 25.57 26.64 -2.05
N LYS A 158 26.88 26.42 -2.24
CA LYS A 158 27.99 27.38 -2.06
C LYS A 158 29.25 26.60 -1.69
N MET B 1 -36.03 0.23 -8.43
CA MET B 1 -35.42 -0.39 -9.60
C MET B 1 -34.04 -0.97 -9.25
N ASN B 2 -33.33 -0.35 -8.32
CA ASN B 2 -32.03 -0.83 -7.85
C ASN B 2 -32.12 -1.90 -6.75
N ARG B 3 -31.60 -3.09 -7.04
CA ARG B 3 -31.52 -4.13 -6.04
C ARG B 3 -30.06 -4.43 -5.76
N VAL B 4 -29.62 -4.22 -4.53
CA VAL B 4 -28.21 -4.33 -4.23
C VAL B 4 -27.91 -5.61 -3.45
N LEU B 5 -26.85 -6.28 -3.85
CA LEU B 5 -26.47 -7.48 -3.15
C LEU B 5 -25.12 -7.27 -2.46
N TYR B 6 -25.08 -7.53 -1.15
CA TYR B 6 -23.92 -7.38 -0.28
C TYR B 6 -23.41 -8.77 0.15
N PRO B 7 -22.39 -9.32 -0.56
CA PRO B 7 -21.88 -10.67 -0.24
C PRO B 7 -20.78 -10.66 0.80
N GLY B 8 -20.73 -11.69 1.64
CA GLY B 8 -19.67 -11.78 2.62
C GLY B 8 -19.78 -13.03 3.46
N THR B 9 -18.73 -13.30 4.20
CA THR B 9 -18.76 -14.45 5.09
C THR B 9 -19.51 -14.15 6.37
N PHE B 10 -19.38 -12.91 6.85
CA PHE B 10 -20.05 -12.43 8.05
C PHE B 10 -19.90 -13.46 9.17
N ASP B 11 -18.65 -13.65 9.58
CA ASP B 11 -18.32 -14.66 10.58
C ASP B 11 -17.58 -14.07 11.79
N PRO B 12 -18.32 -13.41 12.68
CA PRO B 12 -19.74 -13.10 12.56
C PRO B 12 -19.87 -11.70 11.96
N ILE B 13 -21.11 -11.29 11.73
CA ILE B 13 -21.36 -9.94 11.28
C ILE B 13 -20.94 -8.96 12.40
N THR B 14 -20.28 -7.87 12.03
CA THR B 14 -19.77 -6.88 12.99
C THR B 14 -20.43 -5.49 12.85
N LYS B 15 -20.08 -4.57 13.75
CA LYS B 15 -20.56 -3.18 13.66
C LYS B 15 -20.04 -2.52 12.40
N GLY B 16 -18.90 -2.97 11.88
CA GLY B 16 -18.39 -2.49 10.61
C GLY B 16 -19.35 -2.86 9.48
N HIS B 17 -19.72 -4.14 9.41
CA HIS B 17 -20.73 -4.57 8.44
C HIS B 17 -22.06 -3.84 8.71
N GLY B 18 -22.43 -3.78 9.97
CA GLY B 18 -23.70 -3.19 10.39
C GLY B 18 -23.80 -1.75 9.98
N ASP B 19 -22.70 -1.03 10.13
CA ASP B 19 -22.65 0.35 9.71
C ASP B 19 -22.96 0.50 8.20
N LEU B 20 -22.29 -0.31 7.37
CA LEU B 20 -22.51 -0.23 5.91
C LEU B 20 -23.92 -0.59 5.54
N ILE B 21 -24.49 -1.56 6.26
CA ILE B 21 -25.82 -2.02 5.94
C ILE B 21 -26.88 -0.93 6.24
N GLU B 22 -26.75 -0.27 7.39
CA GLU B 22 -27.64 0.86 7.71
C GLU B 22 -27.58 1.85 6.56
N ARG B 23 -26.36 2.21 6.17
CA ARG B 23 -26.15 3.21 5.13
C ARG B 23 -26.67 2.75 3.76
N ALA B 24 -26.56 1.46 3.44
CA ALA B 24 -27.04 0.97 2.16
C ALA B 24 -28.56 0.90 2.14
N SER B 25 -29.14 0.67 3.32
CA SER B 25 -30.58 0.60 3.47
C SER B 25 -31.25 1.93 3.13
N ARG B 26 -30.55 3.02 3.43
CA ARG B 26 -31.04 4.38 3.21
C ARG B 26 -30.75 4.85 1.80
N LEU B 27 -30.16 4.01 0.97
CA LEU B 27 -29.72 4.48 -0.32
C LEU B 27 -30.40 3.67 -1.43
N PHE B 28 -30.78 2.45 -1.12
CA PHE B 28 -31.33 1.54 -2.11
C PHE B 28 -32.71 1.06 -1.71
N ASP B 29 -33.53 0.73 -2.71
CA ASP B 29 -34.87 0.23 -2.44
C ASP B 29 -34.85 -1.15 -1.79
N HIS B 30 -33.97 -2.02 -2.25
CA HIS B 30 -33.91 -3.40 -1.77
C HIS B 30 -32.45 -3.82 -1.54
N VAL B 31 -32.16 -4.25 -0.32
CA VAL B 31 -30.80 -4.68 0.04
C VAL B 31 -30.76 -6.15 0.45
N ILE B 32 -29.97 -6.95 -0.24
CA ILE B 32 -29.81 -8.34 0.09
C ILE B 32 -28.44 -8.65 0.64
N ILE B 33 -28.41 -9.10 1.89
CA ILE B 33 -27.18 -9.57 2.49
C ILE B 33 -27.03 -11.05 2.11
N ALA B 34 -26.00 -11.32 1.33
CA ALA B 34 -25.73 -12.67 0.85
C ALA B 34 -24.61 -13.29 1.68
N VAL B 35 -24.96 -14.16 2.61
CA VAL B 35 -23.97 -14.80 3.48
C VAL B 35 -23.40 -16.03 2.76
N ALA B 36 -22.11 -15.98 2.43
CA ALA B 36 -21.42 -17.04 1.68
C ALA B 36 -21.04 -18.16 2.62
N ALA B 37 -21.26 -19.41 2.20
CA ALA B 37 -20.84 -20.57 3.00
C ALA B 37 -19.36 -20.49 3.36
N SER B 38 -18.55 -20.11 2.38
CA SER B 38 -17.09 -20.01 2.49
C SER B 38 -16.42 -21.17 3.24
N PRO B 39 -16.54 -22.40 2.72
CA PRO B 39 -15.98 -23.51 3.51
C PRO B 39 -14.46 -23.38 3.70
N LYS B 40 -13.77 -22.66 2.83
CA LYS B 40 -12.32 -22.62 2.91
C LYS B 40 -11.83 -21.68 4.00
N LYS B 41 -12.67 -20.76 4.46
CA LYS B 41 -12.29 -19.99 5.65
C LYS B 41 -12.38 -20.72 6.98
N ASN B 42 -13.00 -21.91 6.98
CA ASN B 42 -13.33 -22.68 8.19
C ASN B 42 -14.11 -21.85 9.22
N PRO B 43 -15.32 -21.39 8.86
CA PRO B 43 -16.01 -20.39 9.68
C PRO B 43 -16.31 -20.91 11.09
N LEU B 44 -16.15 -20.01 12.05
CA LEU B 44 -16.44 -20.29 13.43
C LEU B 44 -17.93 -20.64 13.58
N PHE B 45 -18.76 -19.84 12.94
CA PHE B 45 -20.18 -20.07 12.98
C PHE B 45 -20.68 -20.78 11.73
N SER B 46 -21.70 -21.63 11.91
CA SER B 46 -22.37 -22.24 10.77
C SER B 46 -23.11 -21.18 9.93
N LEU B 47 -23.34 -21.53 8.67
CA LEU B 47 -24.05 -20.68 7.72
C LEU B 47 -25.42 -20.29 8.27
N GLU B 48 -26.13 -21.30 8.78
CA GLU B 48 -27.40 -21.06 9.42
C GLU B 48 -27.29 -20.07 10.59
N GLN B 49 -26.27 -20.23 11.43
CA GLN B 49 -26.01 -19.31 12.55
C GLN B 49 -25.66 -17.89 12.01
N ARG B 50 -24.84 -17.83 10.97
CA ARG B 50 -24.40 -16.53 10.45
C ARG B 50 -25.58 -15.79 9.81
N VAL B 51 -26.41 -16.51 9.08
CA VAL B 51 -27.64 -15.97 8.53
C VAL B 51 -28.59 -15.45 9.63
N ALA B 52 -28.79 -16.26 10.68
CA ALA B 52 -29.72 -15.84 11.74
C ALA B 52 -29.21 -14.56 12.42
N LEU B 53 -27.89 -14.51 12.67
CA LEU B 53 -27.30 -13.35 13.30
C LEU B 53 -27.48 -12.09 12.43
N ALA B 54 -27.24 -12.25 11.12
CA ALA B 54 -27.44 -11.16 10.18
C ALA B 54 -28.92 -10.70 10.16
N GLN B 55 -29.82 -11.67 10.28
CA GLN B 55 -31.24 -11.38 10.26
C GLN B 55 -31.61 -10.57 11.51
N GLU B 56 -31.10 -11.03 12.65
CA GLU B 56 -31.37 -10.39 13.93
C GLU B 56 -30.90 -8.94 13.93
N VAL B 57 -29.69 -8.74 13.40
CA VAL B 57 -29.04 -7.44 13.37
C VAL B 57 -29.71 -6.47 12.37
N THR B 58 -30.46 -7.01 11.41
CA THR B 58 -31.07 -6.16 10.38
C THR B 58 -32.60 -6.18 10.36
N LYS B 59 -33.21 -6.79 11.37
CA LYS B 59 -34.68 -7.01 11.35
C LYS B 59 -35.49 -5.72 11.47
N HIS B 60 -34.86 -4.66 11.95
CA HIS B 60 -35.51 -3.36 12.04
C HIS B 60 -35.49 -2.62 10.70
N LEU B 61 -34.83 -3.19 9.70
CA LEU B 61 -34.75 -2.53 8.40
C LEU B 61 -35.61 -3.28 7.38
N PRO B 62 -36.76 -2.68 7.04
CA PRO B 62 -37.77 -3.34 6.21
C PRO B 62 -37.32 -3.62 4.79
N ASN B 63 -36.35 -2.86 4.28
CA ASN B 63 -35.93 -3.09 2.90
C ASN B 63 -34.67 -3.96 2.78
N VAL B 64 -34.27 -4.57 3.89
CA VAL B 64 -33.09 -5.44 3.95
C VAL B 64 -33.47 -6.89 4.26
N GLU B 65 -32.99 -7.85 3.47
CA GLU B 65 -33.21 -9.26 3.77
C GLU B 65 -31.92 -10.05 3.68
N VAL B 66 -31.92 -11.24 4.26
CA VAL B 66 -30.71 -12.03 4.39
C VAL B 66 -30.91 -13.39 3.75
N VAL B 67 -29.93 -13.81 2.97
CA VAL B 67 -29.99 -15.09 2.30
C VAL B 67 -28.63 -15.74 2.43
N GLY B 68 -28.61 -17.05 2.64
CA GLY B 68 -27.35 -17.77 2.64
C GLY B 68 -27.19 -18.40 1.27
N PHE B 69 -25.96 -18.56 0.82
CA PHE B 69 -25.71 -19.21 -0.46
C PHE B 69 -24.35 -19.89 -0.47
N SER B 70 -24.27 -20.96 -1.25
CA SER B 70 -23.03 -21.73 -1.33
C SER B 70 -22.59 -21.86 -2.76
N THR B 71 -23.32 -21.19 -3.65
CA THR B 71 -23.06 -21.25 -5.08
C THR B 71 -22.12 -20.12 -5.51
N LEU B 72 -21.78 -20.12 -6.80
CA LEU B 72 -20.96 -19.05 -7.38
C LEU B 72 -21.66 -17.70 -7.25
N LEU B 73 -20.95 -16.70 -6.71
CA LEU B 73 -21.54 -15.37 -6.57
C LEU B 73 -22.11 -14.84 -7.91
N ALA B 74 -21.37 -15.03 -9.00
CA ALA B 74 -21.81 -14.53 -10.30
C ALA B 74 -23.11 -15.18 -10.76
N HIS B 75 -23.36 -16.40 -10.33
CA HIS B 75 -24.64 -17.05 -10.64
C HIS B 75 -25.72 -16.62 -9.66
N PHE B 76 -25.38 -16.59 -8.38
CA PHE B 76 -26.36 -16.28 -7.34
C PHE B 76 -26.94 -14.88 -7.49
N VAL B 77 -26.12 -13.93 -7.90
CA VAL B 77 -26.61 -12.57 -8.04
C VAL B 77 -27.67 -12.53 -9.13
N LYS B 78 -27.57 -13.41 -10.12
CA LYS B 78 -28.55 -13.45 -11.19
C LYS B 78 -29.84 -14.13 -10.71
N GLU B 79 -29.72 -15.10 -9.82
CA GLU B 79 -30.92 -15.75 -9.31
C GLU B 79 -31.67 -14.79 -8.38
N GLN B 80 -30.94 -13.88 -7.76
CA GLN B 80 -31.58 -12.88 -6.91
C GLN B 80 -32.03 -11.68 -7.73
N LYS B 81 -31.67 -11.67 -9.00
CA LYS B 81 -31.94 -10.53 -9.90
C LYS B 81 -31.46 -9.21 -9.31
N ALA B 82 -30.26 -9.18 -8.75
CA ALA B 82 -29.69 -7.91 -8.30
C ALA B 82 -28.79 -7.32 -9.37
N ASN B 83 -28.79 -6.00 -9.52
CA ASN B 83 -27.96 -5.38 -10.53
C ASN B 83 -26.74 -4.67 -9.94
N VAL B 84 -26.62 -4.70 -8.61
CA VAL B 84 -25.48 -4.08 -7.96
C VAL B 84 -24.89 -4.94 -6.84
N PHE B 85 -23.57 -5.08 -6.89
CA PHE B 85 -22.76 -5.58 -5.79
C PHE B 85 -22.35 -4.45 -4.88
N LEU B 86 -22.46 -4.68 -3.58
CA LEU B 86 -21.90 -3.79 -2.59
C LEU B 86 -20.75 -4.46 -1.83
N ARG B 87 -19.61 -3.78 -1.71
CA ARG B 87 -18.50 -4.26 -0.87
C ARG B 87 -17.95 -3.12 -0.01
N GLY B 88 -17.52 -3.44 1.20
CA GLY B 88 -16.93 -2.45 2.07
C GLY B 88 -15.43 -2.32 1.82
N LEU B 89 -14.92 -1.11 2.02
CA LEU B 89 -13.49 -0.82 1.98
C LEU B 89 -13.04 -0.14 3.28
N ARG B 90 -12.08 -0.74 3.97
CA ARG B 90 -11.57 -0.17 5.22
C ARG B 90 -10.04 -0.04 5.22
N ALA B 91 -9.34 -0.91 4.48
CA ALA B 91 -7.88 -0.87 4.38
C ALA B 91 -7.44 -0.99 2.92
N VAL B 92 -6.23 -0.55 2.60
CA VAL B 92 -5.79 -0.53 1.20
C VAL B 92 -5.55 -1.93 0.67
N SER B 93 -5.30 -2.89 1.57
CA SER B 93 -5.15 -4.26 1.13
C SER B 93 -6.53 -4.82 0.77
N ASP B 94 -7.56 -4.31 1.42
CA ASP B 94 -8.93 -4.70 1.07
C ASP B 94 -9.27 -4.24 -0.33
N PHE B 95 -8.85 -3.01 -0.63
CA PHE B 95 -9.08 -2.42 -1.93
C PHE B 95 -8.46 -3.26 -3.03
N GLU B 96 -7.23 -3.73 -2.78
CA GLU B 96 -6.55 -4.57 -3.75
C GLU B 96 -7.32 -5.80 -4.12
N TYR B 97 -7.76 -6.53 -3.09
CA TYR B 97 -8.54 -7.73 -3.29
C TYR B 97 -9.87 -7.40 -3.97
N GLU B 98 -10.58 -6.39 -3.46
CA GLU B 98 -11.88 -6.05 -4.03
C GLU B 98 -11.77 -5.60 -5.49
N PHE B 99 -10.70 -4.87 -5.79
CA PHE B 99 -10.45 -4.39 -7.15
C PHE B 99 -10.36 -5.57 -8.12
N GLN B 100 -9.71 -6.63 -7.66
CA GLN B 100 -9.45 -7.79 -8.52
C GLN B 100 -10.69 -8.69 -8.57
N LEU B 101 -11.37 -8.79 -7.45
CA LEU B 101 -12.62 -9.55 -7.41
C LEU B 101 -13.67 -8.90 -8.31
N ALA B 102 -13.73 -7.58 -8.29
CA ALA B 102 -14.69 -6.84 -9.09
C ALA B 102 -14.47 -7.04 -10.59
N ASN B 103 -13.21 -7.05 -11.03
CA ASN B 103 -12.93 -7.21 -12.45
C ASN B 103 -13.19 -8.64 -12.93
N MET B 104 -13.14 -9.62 -12.04
CA MET B 104 -13.48 -10.97 -12.48
C MET B 104 -14.97 -11.19 -12.50
N ASN B 105 -15.68 -10.57 -11.57
CA ASN B 105 -17.13 -10.62 -11.62
C ASN B 105 -17.65 -9.84 -12.82
N ARG B 106 -16.90 -8.83 -13.25
N ARG B 106 -16.91 -8.83 -13.24
CA ARG B 106 -17.29 -8.06 -14.41
CA ARG B 106 -17.26 -8.04 -14.42
C ARG B 106 -17.23 -8.96 -15.65
C ARG B 106 -17.18 -8.93 -15.66
N GLN B 107 -16.35 -9.96 -15.61
CA GLN B 107 -16.24 -10.93 -16.71
C GLN B 107 -17.33 -11.99 -16.60
N LEU B 108 -17.69 -12.35 -15.37
CA LEU B 108 -18.67 -13.41 -15.13
C LEU B 108 -20.10 -12.86 -15.09
N ALA B 109 -20.22 -11.62 -14.65
CA ALA B 109 -21.51 -10.94 -14.55
C ALA B 109 -21.38 -9.48 -15.02
N PRO B 110 -21.27 -9.29 -16.34
CA PRO B 110 -20.98 -7.98 -16.94
C PRO B 110 -22.05 -6.92 -16.74
N ASP B 111 -23.27 -7.35 -16.44
CA ASP B 111 -24.40 -6.46 -16.33
C ASP B 111 -24.64 -6.09 -14.88
N VAL B 112 -23.70 -6.42 -14.00
CA VAL B 112 -23.85 -6.12 -12.60
C VAL B 112 -22.82 -5.08 -12.19
N GLU B 113 -23.28 -4.01 -11.55
CA GLU B 113 -22.36 -2.95 -11.13
C GLU B 113 -21.69 -3.34 -9.81
N SER B 114 -20.43 -2.91 -9.62
CA SER B 114 -19.75 -3.04 -8.32
C SER B 114 -19.50 -1.69 -7.68
N MET B 115 -20.04 -1.50 -6.48
CA MET B 115 -19.80 -0.25 -5.78
C MET B 115 -19.25 -0.47 -4.37
N PHE B 116 -18.60 0.55 -3.83
CA PHE B 116 -17.96 0.42 -2.55
C PHE B 116 -18.39 1.51 -1.59
N LEU B 117 -18.51 1.13 -0.32
CA LEU B 117 -18.68 2.08 0.75
C LEU B 117 -17.57 1.83 1.75
N THR B 118 -17.28 2.86 2.53
CA THR B 118 -16.32 2.73 3.60
C THR B 118 -17.07 2.97 4.90
N PRO B 119 -16.79 2.19 5.93
CA PRO B 119 -17.49 2.42 7.19
C PRO B 119 -16.95 3.67 7.85
N SER B 120 -17.71 4.25 8.77
CA SER B 120 -17.16 5.39 9.52
C SER B 120 -15.85 4.97 10.22
N GLU B 121 -15.00 5.96 10.43
CA GLU B 121 -13.66 5.77 10.97
C GLU B 121 -13.65 4.99 12.30
N LYS B 122 -14.75 5.17 13.00
CA LYS B 122 -15.05 4.55 14.28
C LYS B 122 -15.28 3.01 14.27
N TYR B 123 -15.70 2.45 13.14
CA TYR B 123 -15.89 0.98 12.99
C TYR B 123 -14.94 0.42 11.94
N SER B 124 -14.08 1.30 11.46
CA SER B 124 -13.16 0.98 10.36
C SER B 124 -12.09 -0.01 10.77
N PHE B 125 -11.70 0.01 12.03
CA PHE B 125 -10.63 -0.84 12.51
C PHE B 125 -11.08 -2.26 12.86
N ILE B 126 -12.37 -2.54 12.77
CA ILE B 126 -12.92 -3.82 13.25
C ILE B 126 -12.81 -4.94 12.22
N SER B 127 -12.05 -5.96 12.61
CA SER B 127 -11.89 -7.18 11.83
C SER B 127 -12.74 -8.29 12.39
N SER B 128 -13.47 -8.95 11.51
CA SER B 128 -14.22 -10.13 11.92
C SER B 128 -13.24 -11.15 12.54
N THR B 129 -12.05 -11.25 11.94
CA THR B 129 -11.04 -12.19 12.38
C THR B 129 -10.56 -11.91 13.78
N LEU B 130 -10.27 -10.65 14.06
CA LEU B 130 -9.79 -10.31 15.38
C LEU B 130 -10.91 -10.46 16.43
N VAL B 131 -12.14 -10.15 16.06
CA VAL B 131 -13.26 -10.40 16.96
C VAL B 131 -13.32 -11.89 17.37
N ARG B 132 -13.15 -12.80 16.42
CA ARG B 132 -13.09 -14.24 16.73
C ARG B 132 -11.97 -14.61 17.69
N GLU B 133 -10.77 -14.15 17.37
CA GLU B 133 -9.59 -14.52 18.14
C GLU B 133 -9.62 -13.94 19.54
N ILE B 134 -10.03 -12.68 19.65
CA ILE B 134 -10.16 -12.08 20.96
C ILE B 134 -11.21 -12.83 21.81
N ALA B 135 -12.35 -13.12 21.22
CA ALA B 135 -13.42 -13.81 21.95
C ALA B 135 -12.97 -15.21 22.39
N ALA B 136 -12.25 -15.91 21.53
CA ALA B 136 -11.75 -17.25 21.87
C ALA B 136 -10.88 -17.25 23.13
N LEU B 137 -10.25 -16.11 23.39
CA LEU B 137 -9.37 -15.98 24.55
C LEU B 137 -10.04 -15.21 25.69
N GLY B 138 -11.36 -15.11 25.65
CA GLY B 138 -12.11 -14.50 26.74
C GLY B 138 -11.95 -13.00 26.82
N GLY B 139 -11.61 -12.37 25.70
CA GLY B 139 -11.57 -10.91 25.70
C GLY B 139 -12.98 -10.42 25.42
N ASP B 140 -13.30 -9.27 25.99
CA ASP B 140 -14.60 -8.67 25.83
C ASP B 140 -14.75 -8.10 24.41
N ILE B 141 -15.69 -8.61 23.62
CA ILE B 141 -15.83 -8.07 22.27
C ILE B 141 -17.13 -7.27 22.06
N SER B 142 -17.79 -6.90 23.15
CA SER B 142 -19.12 -6.31 23.03
C SER B 142 -19.13 -4.91 22.40
N LYS B 143 -17.99 -4.23 22.37
CA LYS B 143 -17.96 -2.94 21.68
C LYS B 143 -17.72 -3.10 20.17
N PHE B 144 -17.45 -4.32 19.70
CA PHE B 144 -17.17 -4.47 18.29
C PHE B 144 -18.33 -5.07 17.52
N VAL B 145 -19.31 -5.57 18.24
CA VAL B 145 -20.44 -6.26 17.61
C VAL B 145 -21.75 -5.93 18.31
N HIS B 146 -22.84 -6.18 17.60
CA HIS B 146 -24.22 -6.07 18.09
C HIS B 146 -24.45 -7.06 19.24
N PRO B 147 -25.31 -6.70 20.21
CA PRO B 147 -25.59 -7.53 21.39
C PRO B 147 -25.91 -8.99 21.08
N ALA B 148 -26.70 -9.27 20.04
CA ALA B 148 -27.02 -10.67 19.72
C ALA B 148 -25.77 -11.43 19.28
N VAL B 149 -24.87 -10.72 18.61
CA VAL B 149 -23.62 -11.32 18.17
C VAL B 149 -22.70 -11.53 19.36
N ALA B 150 -22.65 -10.58 20.29
CA ALA B 150 -21.87 -10.78 21.51
C ALA B 150 -22.31 -12.04 22.27
N ASP B 151 -23.63 -12.25 22.42
CA ASP B 151 -24.13 -13.46 23.08
C ASP B 151 -23.71 -14.73 22.35
N ALA B 152 -23.79 -14.71 21.02
CA ALA B 152 -23.43 -15.86 20.20
C ALA B 152 -21.94 -16.19 20.35
N LEU B 153 -21.10 -15.16 20.43
CA LEU B 153 -19.69 -15.38 20.65
C LEU B 153 -19.43 -15.94 22.05
N ALA B 154 -20.16 -15.43 23.03
CA ALA B 154 -19.99 -15.91 24.41
C ALA B 154 -20.34 -17.39 24.52
N GLU B 155 -21.47 -17.78 23.94
CA GLU B 155 -21.91 -19.16 24.00
C GLU B 155 -21.01 -20.07 23.15
N ARG B 156 -20.45 -19.52 22.08
CA ARG B 156 -19.70 -20.33 21.13
C ARG B 156 -18.49 -21.10 21.70
N PHE B 157 -17.85 -20.55 22.72
CA PHE B 157 -16.62 -21.15 23.22
C PHE B 157 -16.86 -21.92 24.53
N LYS B 158 -17.99 -21.61 25.18
CA LYS B 158 -18.56 -22.27 26.37
C LYS B 158 -19.42 -21.27 27.13
N MET C 1 15.00 10.39 31.56
CA MET C 1 16.25 10.19 30.85
C MET C 1 16.00 10.33 29.35
N ASN C 2 14.81 9.92 28.92
CA ASN C 2 14.38 10.02 27.54
C ASN C 2 13.82 11.38 27.19
N ARG C 3 14.44 12.03 26.23
CA ARG C 3 13.92 13.29 25.73
C ARG C 3 13.47 13.07 24.29
N VAL C 4 12.19 13.29 24.03
CA VAL C 4 11.67 12.98 22.71
C VAL C 4 11.38 14.24 21.93
N LEU C 5 11.72 14.21 20.66
CA LEU C 5 11.47 15.35 19.79
C LEU C 5 10.47 14.97 18.69
N TYR C 6 9.43 15.79 18.58
CA TYR C 6 8.35 15.60 17.62
C TYR C 6 8.41 16.71 16.59
N PRO C 7 9.10 16.47 15.47
CA PRO C 7 9.25 17.51 14.46
C PRO C 7 8.08 17.50 13.47
N GLY C 8 7.71 18.66 12.96
CA GLY C 8 6.65 18.74 11.97
C GLY C 8 6.47 20.18 11.53
N THR C 9 5.70 20.39 10.48
CA THR C 9 5.44 21.75 10.01
C THR C 9 4.33 22.40 10.88
N PHE C 10 3.37 21.59 11.30
CA PHE C 10 2.29 22.01 12.19
C PHE C 10 1.67 23.31 11.70
N ASP C 11 1.09 23.25 10.52
CA ASP C 11 0.52 24.41 9.85
C ASP C 11 -0.98 24.20 9.56
N PRO C 12 -1.83 24.32 10.60
CA PRO C 12 -1.49 24.51 12.01
C PRO C 12 -1.45 23.15 12.70
N ILE C 13 -1.12 23.13 13.99
CA ILE C 13 -1.21 21.92 14.77
C ILE C 13 -2.70 21.49 14.89
N THR C 14 -2.95 20.20 14.78
CA THR C 14 -4.31 19.69 14.74
C THR C 14 -4.55 18.79 15.96
N LYS C 15 -5.78 18.32 16.11
CA LYS C 15 -6.09 17.36 17.15
C LYS C 15 -5.39 16.05 16.86
N GLY C 16 -5.03 15.84 15.59
CA GLY C 16 -4.25 14.66 15.24
C GLY C 16 -2.91 14.71 15.95
N HIS C 17 -2.22 15.83 15.80
CA HIS C 17 -0.96 16.05 16.50
C HIS C 17 -1.19 16.01 18.00
N GLY C 18 -2.26 16.67 18.43
CA GLY C 18 -2.57 16.80 19.85
C GLY C 18 -2.73 15.48 20.55
N ASP C 19 -3.38 14.53 19.87
CA ASP C 19 -3.54 13.20 20.42
C ASP C 19 -2.19 12.52 20.67
N LEU C 20 -1.31 12.60 19.68
CA LEU C 20 0.02 11.99 19.79
C LEU C 20 0.83 12.63 20.90
N ILE C 21 0.68 13.94 21.07
CA ILE C 21 1.43 14.65 22.10
C ILE C 21 0.95 14.32 23.52
N GLU C 22 -0.38 14.22 23.72
CA GLU C 22 -0.93 13.80 25.01
C GLU C 22 -0.29 12.46 25.39
N ARG C 23 -0.32 11.55 24.44
CA ARG C 23 0.20 10.21 24.66
C ARG C 23 1.72 10.22 24.89
N ALA C 24 2.44 11.08 24.18
CA ALA C 24 3.89 11.11 24.34
C ALA C 24 4.24 11.76 25.67
N SER C 25 3.44 12.73 26.12
CA SER C 25 3.68 13.38 27.41
C SER C 25 3.55 12.40 28.57
N ARG C 26 2.67 11.40 28.44
CA ARG C 26 2.47 10.45 29.54
C ARG C 26 3.47 9.32 29.48
N LEU C 27 4.35 9.39 28.51
CA LEU C 27 5.26 8.30 28.24
C LEU C 27 6.72 8.71 28.42
N PHE C 28 7.00 10.00 28.21
CA PHE C 28 8.37 10.49 28.25
C PHE C 28 8.50 11.60 29.25
N ASP C 29 9.69 11.70 29.85
CA ASP C 29 9.93 12.70 30.86
C ASP C 29 9.88 14.08 30.26
N HIS C 30 10.39 14.18 29.03
CA HIS C 30 10.51 15.47 28.36
C HIS C 30 10.12 15.38 26.89
N VAL C 31 9.17 16.19 26.47
CA VAL C 31 8.71 16.19 25.11
C VAL C 31 8.92 17.55 24.47
N ILE C 32 9.65 17.56 23.37
CA ILE C 32 9.89 18.78 22.59
C ILE C 32 9.18 18.72 21.24
N ILE C 33 8.28 19.67 21.06
CA ILE C 33 7.62 19.86 19.80
C ILE C 33 8.46 20.77 18.94
N ALA C 34 8.99 20.22 17.87
CA ALA C 34 9.87 20.95 16.97
C ALA C 34 9.13 21.37 15.69
N VAL C 35 8.80 22.65 15.64
CA VAL C 35 8.11 23.20 14.50
C VAL C 35 9.15 23.58 13.45
N ALA C 36 9.09 22.92 12.31
CA ALA C 36 10.07 23.19 11.26
C ALA C 36 9.64 24.36 10.39
N ALA C 37 10.57 25.27 10.14
CA ALA C 37 10.36 26.25 9.09
C ALA C 37 10.32 25.38 7.85
N SER C 38 9.33 25.57 7.01
CA SER C 38 9.24 24.72 5.83
C SER C 38 8.91 25.60 4.63
N PRO C 39 9.88 26.43 4.20
CA PRO C 39 9.72 27.42 3.13
C PRO C 39 9.36 26.79 1.78
N LYS C 40 9.62 25.50 1.60
CA LYS C 40 9.35 24.89 0.30
C LYS C 40 7.84 24.66 0.22
N LYS C 41 7.20 24.64 1.38
CA LYS C 41 5.76 24.78 1.47
C LYS C 41 5.58 26.26 1.66
N ASN C 42 4.44 26.84 1.32
CA ASN C 42 4.33 28.25 1.63
C ASN C 42 3.36 28.24 2.76
N PRO C 43 3.86 28.01 3.99
CA PRO C 43 2.95 27.74 5.11
C PRO C 43 1.98 28.88 5.30
N LEU C 44 0.74 28.55 5.63
CA LEU C 44 -0.27 29.55 5.89
C LEU C 44 0.18 30.46 7.01
N PHE C 45 0.64 29.86 8.10
CA PHE C 45 1.13 30.62 9.24
C PHE C 45 2.65 30.75 9.24
N SER C 46 3.12 31.89 9.71
CA SER C 46 4.54 32.13 9.92
C SER C 46 5.04 31.18 10.98
N LEU C 47 6.35 31.00 11.05
CA LEU C 47 6.92 30.11 12.04
C LEU C 47 6.49 30.51 13.45
N GLU C 48 6.62 31.79 13.75
CA GLU C 48 6.24 32.31 15.06
C GLU C 48 4.77 32.04 15.43
N GLN C 49 3.86 32.22 14.47
CA GLN C 49 2.45 31.90 14.72
C GLN C 49 2.28 30.41 14.97
N ARG C 50 2.96 29.58 14.19
CA ARG C 50 2.82 28.15 14.36
C ARG C 50 3.40 27.67 15.70
N VAL C 51 4.54 28.24 16.12
CA VAL C 51 5.09 27.96 17.46
C VAL C 51 4.10 28.38 18.54
N ALA C 52 3.54 29.58 18.37
CA ALA C 52 2.62 30.10 19.38
C ALA C 52 1.40 29.21 19.53
N LEU C 53 0.84 28.78 18.41
CA LEU C 53 -0.34 27.93 18.44
C LEU C 53 -0.05 26.59 19.10
N ALA C 54 1.10 25.99 18.77
CA ALA C 54 1.47 24.72 19.38
C ALA C 54 1.67 24.85 20.90
N GLN C 55 2.19 25.99 21.35
CA GLN C 55 2.37 26.23 22.79
C GLN C 55 1.01 26.36 23.48
N GLU C 56 0.12 27.10 22.83
CA GLU C 56 -1.23 27.33 23.33
C GLU C 56 -1.96 26.00 23.56
N VAL C 57 -1.81 25.10 22.60
CA VAL C 57 -2.45 23.79 22.62
C VAL C 57 -1.79 22.85 23.66
N THR C 58 -0.54 23.11 24.02
CA THR C 58 0.16 22.19 24.93
C THR C 58 0.57 22.80 26.26
N LYS C 59 0.10 24.02 26.56
CA LYS C 59 0.57 24.73 27.73
C LYS C 59 0.16 24.05 29.04
N HIS C 60 -0.86 23.20 28.98
CA HIS C 60 -1.33 22.44 30.14
C HIS C 60 -0.46 21.21 30.43
N LEU C 61 0.53 20.95 29.56
CA LEU C 61 1.41 19.82 29.76
C LEU C 61 2.75 20.34 30.18
N PRO C 62 3.08 20.14 31.47
CA PRO C 62 4.27 20.72 32.09
C PRO C 62 5.57 20.18 31.51
N ASN C 63 5.56 18.95 31.01
CA ASN C 63 6.78 18.34 30.47
C ASN C 63 6.87 18.46 28.96
N VAL C 64 5.99 19.26 28.38
CA VAL C 64 5.99 19.46 26.95
C VAL C 64 6.34 20.91 26.66
N GLU C 65 7.29 21.12 25.77
CA GLU C 65 7.60 22.49 25.33
C GLU C 65 7.78 22.56 23.80
N VAL C 66 7.76 23.77 23.29
CA VAL C 66 7.71 24.02 21.86
C VAL C 66 8.87 24.92 21.39
N VAL C 67 9.51 24.54 20.31
CA VAL C 67 10.61 25.31 19.75
C VAL C 67 10.51 25.29 18.22
N GLY C 68 10.92 26.38 17.59
CA GLY C 68 11.01 26.44 16.14
C GLY C 68 12.42 26.23 15.62
N PHE C 69 12.57 25.70 14.42
CA PHE C 69 13.91 25.53 13.87
C PHE C 69 13.90 25.53 12.37
N SER C 70 15.00 25.97 11.78
CA SER C 70 15.08 26.05 10.34
C SER C 70 16.26 25.25 9.83
N THR C 71 16.93 24.56 10.74
CA THR C 71 18.13 23.81 10.38
C THR C 71 17.78 22.35 10.07
N LEU C 72 18.77 21.59 9.64
CA LEU C 72 18.62 20.15 9.45
C LEU C 72 18.20 19.47 10.77
N LEU C 73 17.14 18.67 10.71
CA LEU C 73 16.62 17.93 11.87
C LEU C 73 17.70 17.12 12.58
N ALA C 74 18.51 16.45 11.78
CA ALA C 74 19.58 15.60 12.32
C ALA C 74 20.60 16.43 13.07
N HIS C 75 20.74 17.71 12.69
CA HIS C 75 21.63 18.62 13.43
C HIS C 75 20.92 19.19 14.65
N PHE C 76 19.70 19.65 14.43
CA PHE C 76 18.92 20.31 15.46
C PHE C 76 18.66 19.45 16.68
N VAL C 77 18.46 18.15 16.46
CA VAL C 77 18.15 17.24 17.54
C VAL C 77 19.34 17.18 18.51
N LYS C 78 20.55 17.43 17.99
CA LYS C 78 21.76 17.40 18.79
C LYS C 78 21.83 18.64 19.63
N GLU C 79 21.27 19.72 19.12
CA GLU C 79 21.21 20.95 19.89
C GLU C 79 20.17 20.83 21.00
N GLN C 80 19.13 20.03 20.76
CA GLN C 80 18.10 19.83 21.79
C GLN C 80 18.40 18.66 22.73
N LYS C 81 19.42 17.89 22.40
CA LYS C 81 19.78 16.74 23.19
C LYS C 81 18.63 15.75 23.39
N ALA C 82 17.88 15.49 22.35
CA ALA C 82 16.87 14.48 22.39
C ALA C 82 17.47 13.18 21.86
N ASN C 83 17.10 12.06 22.45
CA ASN C 83 17.60 10.76 21.99
C ASN C 83 16.51 9.97 21.23
N VAL C 84 15.34 10.57 21.07
CA VAL C 84 14.26 9.91 20.35
C VAL C 84 13.53 10.91 19.46
N PHE C 85 13.34 10.52 18.20
CA PHE C 85 12.39 11.19 17.28
C PHE C 85 11.04 10.54 17.41
N LEU C 86 9.99 11.35 17.48
CA LEU C 86 8.65 10.82 17.36
C LEU C 86 8.04 11.27 16.05
N ARG C 87 7.45 10.32 15.33
CA ARG C 87 6.69 10.64 14.14
C ARG C 87 5.36 9.88 14.17
N GLY C 88 4.29 10.50 13.67
CA GLY C 88 3.00 9.86 13.61
C GLY C 88 2.78 9.06 12.33
N LEU C 89 2.03 7.97 12.45
CA LEU C 89 1.60 7.20 11.29
C LEU C 89 0.07 7.15 11.29
N ARG C 90 -0.56 7.59 10.21
CA ARG C 90 -2.02 7.63 10.08
C ARG C 90 -2.46 6.85 8.86
N ALA C 91 -1.61 6.86 7.85
CA ALA C 91 -1.89 6.17 6.60
C ALA C 91 -0.69 5.33 6.23
N VAL C 92 -0.94 4.35 5.38
CA VAL C 92 0.10 3.40 5.03
C VAL C 92 1.17 4.09 4.19
N SER C 93 0.80 5.19 3.55
CA SER C 93 1.74 5.99 2.78
C SER C 93 2.65 6.82 3.69
N ASP C 94 2.17 7.13 4.90
CA ASP C 94 3.02 7.81 5.88
C ASP C 94 4.18 6.90 6.24
N PHE C 95 3.88 5.63 6.44
CA PHE C 95 4.88 4.65 6.83
C PHE C 95 6.03 4.58 5.83
N GLU C 96 5.69 4.56 4.55
CA GLU C 96 6.73 4.53 3.53
C GLU C 96 7.68 5.71 3.65
N TYR C 97 7.11 6.90 3.75
CA TYR C 97 7.91 8.12 3.85
C TYR C 97 8.74 8.11 5.14
N GLU C 98 8.08 7.76 6.24
CA GLU C 98 8.75 7.73 7.53
C GLU C 98 9.84 6.65 7.54
N PHE C 99 9.58 5.53 6.87
CA PHE C 99 10.59 4.49 6.79
C PHE C 99 11.88 5.02 6.14
N GLN C 100 11.75 5.81 5.10
CA GLN C 100 12.95 6.24 4.40
C GLN C 100 13.57 7.42 5.18
N LEU C 101 12.76 8.26 5.82
CA LEU C 101 13.33 9.31 6.64
C LEU C 101 14.08 8.73 7.84
N ALA C 102 13.54 7.67 8.44
CA ALA C 102 14.14 7.08 9.62
C ALA C 102 15.49 6.45 9.31
N ASN C 103 15.57 5.76 8.20
CA ASN C 103 16.79 5.07 7.86
C ASN C 103 17.81 6.11 7.41
N MET C 104 17.33 7.25 6.92
CA MET C 104 18.24 8.25 6.42
C MET C 104 18.80 9.05 7.61
N ASN C 105 17.94 9.31 8.59
CA ASN C 105 18.34 9.92 9.86
C ASN C 105 19.24 9.03 10.69
N ARG C 106 19.10 7.73 10.51
N ARG C 106 19.10 7.72 10.48
CA ARG C 106 19.92 6.78 11.26
CA ARG C 106 19.90 6.74 11.19
C ARG C 106 21.38 6.92 10.79
C ARG C 106 21.35 6.89 10.78
N GLN C 107 21.57 7.36 9.55
CA GLN C 107 22.91 7.60 9.04
C GLN C 107 23.45 8.95 9.50
N LEU C 108 22.55 9.93 9.64
CA LEU C 108 22.98 11.28 10.02
C LEU C 108 23.05 11.44 11.52
N ALA C 109 22.18 10.73 12.24
CA ALA C 109 22.13 10.81 13.68
C ALA C 109 21.93 9.42 14.25
N PRO C 110 23.02 8.65 14.25
CA PRO C 110 23.03 7.22 14.61
C PRO C 110 22.67 6.97 16.07
N ASP C 111 22.75 7.99 16.91
CA ASP C 111 22.46 7.78 18.32
C ASP C 111 21.03 8.22 18.67
N VAL C 112 20.22 8.51 17.67
CA VAL C 112 18.86 8.90 17.94
C VAL C 112 17.90 7.87 17.41
N GLU C 113 16.97 7.44 18.26
CA GLU C 113 16.00 6.45 17.85
C GLU C 113 14.83 7.11 17.12
N SER C 114 14.26 6.40 16.16
CA SER C 114 13.02 6.82 15.52
C SER C 114 11.90 5.91 15.97
N MET C 115 10.88 6.51 16.57
CA MET C 115 9.74 5.74 17.00
C MET C 115 8.46 6.36 16.49
N PHE C 116 7.43 5.52 16.40
CA PHE C 116 6.18 5.94 15.83
C PHE C 116 5.00 5.62 16.73
N LEU C 117 4.01 6.51 16.68
CA LEU C 117 2.71 6.30 17.25
C LEU C 117 1.67 6.50 16.17
N THR C 118 0.51 5.88 16.34
CA THR C 118 -0.62 6.13 15.45
C THR C 118 -1.68 6.79 16.31
N PRO C 119 -2.35 7.83 15.77
CA PRO C 119 -3.36 8.50 16.58
C PRO C 119 -4.60 7.61 16.74
N SER C 120 -5.40 7.84 17.78
CA SER C 120 -6.66 7.09 17.94
C SER C 120 -7.55 7.24 16.71
N GLU C 121 -8.40 6.24 16.47
CA GLU C 121 -9.23 6.24 15.26
C GLU C 121 -10.07 7.52 15.11
N LYS C 122 -10.44 8.14 16.22
CA LYS C 122 -11.23 9.35 16.17
C LYS C 122 -10.44 10.52 15.61
N TYR C 123 -9.13 10.49 15.79
CA TYR C 123 -8.28 11.60 15.36
C TYR C 123 -7.39 11.28 14.20
N SER C 124 -7.59 10.12 13.59
N SER C 124 -7.60 10.12 13.59
CA SER C 124 -6.88 9.80 12.35
CA SER C 124 -6.93 9.80 12.35
C SER C 124 -7.47 10.71 11.27
C SER C 124 -7.48 10.73 11.27
N PHE C 125 -7.45 10.29 10.02
CA PHE C 125 -7.98 11.08 8.90
C PHE C 125 -7.84 12.64 8.91
N ILE C 126 -7.26 13.25 9.93
CA ILE C 126 -7.17 14.70 9.94
C ILE C 126 -5.92 15.16 9.20
N SER C 127 -6.13 15.86 8.09
CA SER C 127 -5.04 16.41 7.32
C SER C 127 -4.93 17.90 7.64
N SER C 128 -3.72 18.34 7.97
CA SER C 128 -3.45 19.75 8.20
C SER C 128 -3.83 20.55 6.97
N THR C 129 -3.51 19.97 5.81
CA THR C 129 -3.78 20.60 4.52
C THR C 129 -5.28 20.74 4.28
N LEU C 130 -6.05 19.71 4.62
CA LEU C 130 -7.47 19.75 4.41
C LEU C 130 -8.12 20.74 5.40
N VAL C 131 -7.61 20.82 6.62
CA VAL C 131 -8.07 21.82 7.59
C VAL C 131 -7.88 23.26 7.05
N ARG C 132 -6.70 23.53 6.47
CA ARG C 132 -6.42 24.85 5.88
C ARG C 132 -7.39 25.16 4.74
N GLU C 133 -7.58 24.21 3.84
CA GLU C 133 -8.44 24.42 2.68
C GLU C 133 -9.91 24.60 3.09
N ILE C 134 -10.36 23.80 4.05
CA ILE C 134 -11.72 23.94 4.54
C ILE C 134 -11.93 25.32 5.19
N ALA C 135 -10.99 25.72 6.03
CA ALA C 135 -11.10 27.00 6.72
C ALA C 135 -11.08 28.13 5.72
N ALA C 136 -10.23 28.01 4.71
CA ALA C 136 -10.13 29.00 3.65
C ALA C 136 -11.46 29.18 2.90
N LEU C 137 -12.29 28.14 2.87
CA LEU C 137 -13.55 28.27 2.16
C LEU C 137 -14.72 28.48 3.13
N GLY C 138 -14.38 28.85 4.37
CA GLY C 138 -15.36 29.18 5.39
C GLY C 138 -16.07 27.99 5.99
N GLY C 139 -15.43 26.82 5.96
CA GLY C 139 -15.99 25.66 6.60
C GLY C 139 -15.64 25.57 8.07
N ASP C 140 -16.51 24.95 8.85
CA ASP C 140 -16.26 24.77 10.27
C ASP C 140 -15.17 23.71 10.51
N ILE C 141 -14.08 24.12 11.14
CA ILE C 141 -13.00 23.19 11.43
C ILE C 141 -12.81 22.89 12.91
N SER C 142 -13.81 23.25 13.72
CA SER C 142 -13.68 23.14 15.17
C SER C 142 -13.61 21.69 15.65
N LYS C 143 -14.02 20.76 14.80
CA LYS C 143 -13.96 19.36 15.15
C LYS C 143 -12.57 18.78 14.89
N PHE C 144 -11.71 19.53 14.19
CA PHE C 144 -10.39 19.02 13.84
C PHE C 144 -9.24 19.70 14.59
N VAL C 145 -9.51 20.85 15.20
CA VAL C 145 -8.49 21.63 15.88
C VAL C 145 -9.01 22.21 17.20
N HIS C 146 -8.07 22.55 18.07
CA HIS C 146 -8.31 23.25 19.34
C HIS C 146 -8.88 24.65 19.08
N PRO C 147 -9.76 25.13 19.97
CA PRO C 147 -10.45 26.42 19.80
C PRO C 147 -9.51 27.58 19.47
N ALA C 148 -8.33 27.62 20.07
CA ALA C 148 -7.37 28.69 19.80
C ALA C 148 -6.88 28.65 18.36
N VAL C 149 -6.76 27.45 17.83
CA VAL C 149 -6.31 27.24 16.47
C VAL C 149 -7.44 27.61 15.54
N ALA C 150 -8.65 27.19 15.91
CA ALA C 150 -9.84 27.55 15.15
C ALA C 150 -9.96 29.06 15.02
N ASP C 151 -9.76 29.76 16.13
CA ASP C 151 -9.83 31.21 16.16
C ASP C 151 -8.78 31.81 15.23
N ALA C 152 -7.57 31.25 15.22
CA ALA C 152 -6.51 31.75 14.36
C ALA C 152 -6.83 31.60 12.87
N LEU C 153 -7.44 30.47 12.48
CA LEU C 153 -7.80 30.29 11.08
C LEU C 153 -8.87 31.28 10.66
N ALA C 154 -9.84 31.53 11.54
CA ALA C 154 -10.91 32.46 11.22
C ALA C 154 -10.33 33.85 10.97
N GLU C 155 -9.46 34.28 11.86
CA GLU C 155 -8.91 35.62 11.77
C GLU C 155 -7.99 35.73 10.55
N ARG C 156 -7.29 34.66 10.25
CA ARG C 156 -6.35 34.60 9.14
C ARG C 156 -7.06 34.80 7.80
N PHE C 157 -8.30 34.35 7.72
CA PHE C 157 -9.05 34.36 6.46
C PHE C 157 -10.13 35.44 6.36
N LYS C 158 -9.99 36.48 7.18
CA LYS C 158 -10.83 37.70 7.20
C LYS C 158 -11.99 37.53 8.17
N MET D 1 9.20 2.39 36.22
CA MET D 1 8.89 3.39 35.22
C MET D 1 8.21 2.77 33.99
N ASN D 2 8.82 2.99 32.82
CA ASN D 2 8.32 2.40 31.58
C ASN D 2 8.77 0.96 31.41
N ARG D 3 7.80 0.06 31.33
CA ARG D 3 8.05 -1.35 31.07
C ARG D 3 7.41 -1.71 29.73
N VAL D 4 8.21 -2.20 28.78
CA VAL D 4 7.68 -2.45 27.45
C VAL D 4 7.59 -3.94 27.18
N LEU D 5 6.50 -4.32 26.55
CA LEU D 5 6.28 -5.70 26.21
C LEU D 5 6.26 -5.83 24.68
N TYR D 6 7.09 -6.76 24.21
CA TYR D 6 7.27 -7.06 22.80
C TYR D 6 6.73 -8.47 22.51
N PRO D 7 5.45 -8.56 22.11
CA PRO D 7 4.85 -9.87 21.89
C PRO D 7 5.07 -10.38 20.46
N GLY D 8 5.17 -11.69 20.29
CA GLY D 8 5.35 -12.28 18.99
C GLY D 8 5.37 -13.79 19.09
N THR D 9 5.29 -14.47 17.96
CA THR D 9 5.34 -15.93 17.96
C THR D 9 6.83 -16.35 18.05
N PHE D 10 7.71 -15.55 17.44
CA PHE D 10 9.16 -15.77 17.47
C PHE D 10 9.49 -17.24 17.19
N ASP D 11 9.14 -17.69 15.99
CA ASP D 11 9.27 -19.07 15.58
C ASP D 11 10.17 -19.18 14.35
N PRO D 12 11.49 -19.03 14.53
CA PRO D 12 12.22 -18.65 15.75
C PRO D 12 12.46 -17.14 15.74
N ILE D 13 13.07 -16.64 16.82
CA ILE D 13 13.48 -15.25 16.86
C ILE D 13 14.58 -14.98 15.82
N THR D 14 14.49 -13.85 15.13
CA THR D 14 15.42 -13.55 14.05
C THR D 14 16.28 -12.33 14.38
N LYS D 15 17.24 -12.02 13.52
CA LYS D 15 18.02 -10.81 13.71
C LYS D 15 17.13 -9.59 13.52
N GLY D 16 16.02 -9.77 12.81
CA GLY D 16 15.04 -8.69 12.67
C GLY D 16 14.48 -8.36 14.04
N HIS D 17 13.99 -9.36 14.74
CA HIS D 17 13.53 -9.17 16.11
C HIS D 17 14.68 -8.68 16.98
N GLY D 18 15.85 -9.29 16.81
CA GLY D 18 17.00 -8.97 17.61
C GLY D 18 17.40 -7.50 17.52
N ASP D 19 17.32 -6.93 16.32
CA ASP D 19 17.61 -5.52 16.12
C ASP D 19 16.67 -4.63 16.94
N LEU D 20 15.37 -4.95 16.87
CA LEU D 20 14.38 -4.18 17.60
C LEU D 20 14.60 -4.28 19.10
N ILE D 21 15.00 -5.46 19.56
CA ILE D 21 15.21 -5.65 21.00
C ILE D 21 16.43 -4.87 21.53
N GLU D 22 17.51 -4.89 20.77
CA GLU D 22 18.70 -4.11 21.10
C GLU D 22 18.32 -2.64 21.29
N ARG D 23 17.59 -2.11 20.32
CA ARG D 23 17.19 -0.71 20.36
C ARG D 23 16.21 -0.43 21.51
N ALA D 24 15.31 -1.37 21.78
CA ALA D 24 14.30 -1.14 22.83
C ALA D 24 14.96 -1.25 24.19
N SER D 25 15.98 -2.10 24.24
CA SER D 25 16.78 -2.27 25.45
C SER D 25 17.52 -1.00 25.89
N ARG D 26 17.96 -0.21 24.93
CA ARG D 26 18.72 1.01 25.23
C ARG D 26 17.80 2.18 25.45
N LEU D 27 16.51 1.89 25.41
CA LEU D 27 15.54 2.95 25.44
C LEU D 27 14.63 2.84 26.64
N PHE D 28 14.42 1.61 27.12
CA PHE D 28 13.48 1.37 28.20
C PHE D 28 14.17 0.67 29.34
N ASP D 29 13.70 0.94 30.55
CA ASP D 29 14.25 0.36 31.77
C ASP D 29 14.06 -1.13 31.82
N HIS D 30 12.91 -1.59 31.35
CA HIS D 30 12.57 -3.00 31.41
C HIS D 30 11.89 -3.41 30.11
N VAL D 31 12.44 -4.45 29.49
CA VAL D 31 11.92 -5.00 28.25
C VAL D 31 11.52 -6.46 28.44
N ILE D 32 10.25 -6.76 28.15
CA ILE D 32 9.75 -8.12 28.24
C ILE D 32 9.41 -8.65 26.86
N ILE D 33 10.11 -9.72 26.49
CA ILE D 33 9.81 -10.43 25.28
C ILE D 33 8.76 -11.48 25.57
N ALA D 34 7.58 -11.25 25.04
CA ALA D 34 6.45 -12.14 25.26
C ALA D 34 6.22 -13.06 24.06
N VAL D 35 6.61 -14.31 24.22
CA VAL D 35 6.42 -15.31 23.19
C VAL D 35 5.03 -15.93 23.29
N ALA D 36 4.21 -15.71 22.27
CA ALA D 36 2.85 -16.23 22.28
C ALA D 36 2.80 -17.67 21.80
N ALA D 37 2.16 -18.53 22.58
CA ALA D 37 1.83 -19.88 22.17
C ALA D 37 0.81 -19.75 21.06
N SER D 38 1.20 -19.80 19.80
CA SER D 38 0.25 -19.56 18.72
C SER D 38 -0.18 -20.86 18.02
N PRO D 39 -1.04 -21.68 18.67
CA PRO D 39 -1.33 -23.02 18.12
C PRO D 39 -1.98 -22.97 16.74
N LYS D 40 -2.61 -21.86 16.39
CA LYS D 40 -3.30 -21.76 15.11
C LYS D 40 -2.32 -21.54 13.97
N LYS D 41 -1.11 -21.13 14.28
CA LYS D 41 -0.05 -21.14 13.29
C LYS D 41 0.60 -22.51 13.27
N ASN D 42 0.41 -23.23 14.37
CA ASN D 42 1.09 -24.51 14.62
C ASN D 42 2.60 -24.36 14.37
N PRO D 43 3.29 -23.74 15.35
CA PRO D 43 4.69 -23.33 15.31
C PRO D 43 5.68 -24.49 15.13
N LEU D 44 6.73 -24.23 14.37
CA LEU D 44 7.76 -25.22 14.17
C LEU D 44 8.35 -25.65 15.51
N PHE D 45 8.68 -24.68 16.35
CA PHE D 45 9.19 -24.92 17.69
C PHE D 45 8.11 -24.82 18.77
N SER D 46 8.23 -25.64 19.79
CA SER D 46 7.35 -25.58 20.95
C SER D 46 7.54 -24.24 21.65
N LEU D 47 6.59 -23.87 22.50
CA LEU D 47 6.69 -22.63 23.23
C LEU D 47 7.98 -22.54 24.02
N GLU D 48 8.24 -23.61 24.76
CA GLU D 48 9.42 -23.70 25.60
C GLU D 48 10.73 -23.55 24.81
N GLN D 49 10.82 -24.17 23.63
CA GLN D 49 11.98 -24.00 22.78
C GLN D 49 12.13 -22.54 22.31
N ARG D 50 11.00 -21.93 21.95
CA ARG D 50 11.02 -20.57 21.46
C ARG D 50 11.40 -19.56 22.56
N VAL D 51 10.90 -19.80 23.77
CA VAL D 51 11.31 -19.02 24.94
C VAL D 51 12.81 -19.18 25.18
N ALA D 52 13.29 -20.42 25.09
CA ALA D 52 14.70 -20.70 25.34
C ALA D 52 15.60 -19.99 24.36
N LEU D 53 15.23 -20.04 23.09
CA LEU D 53 16.01 -19.41 22.03
C LEU D 53 16.02 -17.90 22.20
N ALA D 54 14.84 -17.34 22.50
CA ALA D 54 14.74 -15.91 22.73
C ALA D 54 15.60 -15.48 23.93
N GLN D 55 15.68 -16.34 24.94
CA GLN D 55 16.49 -16.01 26.10
C GLN D 55 17.98 -16.02 25.73
N GLU D 56 18.37 -17.03 24.97
CA GLU D 56 19.75 -17.22 24.54
C GLU D 56 20.26 -16.00 23.78
N VAL D 57 19.40 -15.49 22.91
CA VAL D 57 19.71 -14.33 22.07
C VAL D 57 19.77 -13.03 22.88
N THR D 58 19.14 -13.02 24.06
CA THR D 58 19.07 -11.79 24.84
C THR D 58 19.75 -11.83 26.21
N LYS D 59 20.59 -12.85 26.45
CA LYS D 59 21.20 -13.02 27.76
C LYS D 59 22.15 -11.90 28.14
N HIS D 60 22.71 -11.23 27.14
CA HIS D 60 23.66 -10.15 27.36
C HIS D 60 22.99 -8.80 27.69
N LEU D 61 21.67 -8.77 27.66
CA LEU D 61 20.97 -7.53 27.97
C LEU D 61 20.33 -7.69 29.33
N PRO D 62 20.90 -7.01 30.32
CA PRO D 62 20.51 -7.20 31.73
C PRO D 62 19.07 -6.78 32.01
N ASN D 63 18.54 -5.86 31.21
CA ASN D 63 17.19 -5.35 31.41
C ASN D 63 16.15 -5.98 30.48
N VAL D 64 16.55 -7.06 29.81
CA VAL D 64 15.67 -7.76 28.90
C VAL D 64 15.39 -9.16 29.45
N GLU D 65 14.12 -9.55 29.53
CA GLU D 65 13.76 -10.92 29.93
C GLU D 65 12.66 -11.52 29.05
N VAL D 66 12.48 -12.84 29.14
CA VAL D 66 11.60 -13.57 28.24
C VAL D 66 10.54 -14.39 29.01
N VAL D 67 9.29 -14.31 28.55
CA VAL D 67 8.20 -15.07 29.15
C VAL D 67 7.31 -15.59 28.04
N GLY D 68 6.72 -16.76 28.25
CA GLY D 68 5.74 -17.31 27.34
C GLY D 68 4.31 -17.07 27.82
N PHE D 69 3.35 -17.00 26.92
CA PHE D 69 1.97 -16.84 27.35
C PHE D 69 1.00 -17.39 26.31
N SER D 70 -0.13 -17.86 26.80
CA SER D 70 -1.10 -18.44 25.91
C SER D 70 -2.42 -17.72 26.05
N THR D 71 -2.43 -16.66 26.85
CA THR D 71 -3.67 -15.92 27.10
C THR D 71 -3.81 -14.73 26.14
N LEU D 72 -4.93 -14.02 26.25
CA LEU D 72 -5.13 -12.78 25.52
C LEU D 72 -4.04 -11.76 25.86
N LEU D 73 -3.41 -11.20 24.83
CA LEU D 73 -2.38 -10.16 25.00
C LEU D 73 -2.87 -9.03 25.90
N ALA D 74 -4.11 -8.59 25.68
CA ALA D 74 -4.67 -7.49 26.47
C ALA D 74 -4.78 -7.87 27.94
N HIS D 75 -4.93 -9.16 28.21
CA HIS D 75 -4.96 -9.64 29.60
C HIS D 75 -3.56 -9.81 30.16
N PHE D 76 -2.70 -10.46 29.37
CA PHE D 76 -1.36 -10.81 29.80
C PHE D 76 -0.50 -9.59 30.15
N VAL D 77 -0.69 -8.51 29.42
CA VAL D 77 0.10 -7.32 29.66
C VAL D 77 -0.21 -6.77 31.06
N LYS D 78 -1.42 -7.04 31.56
CA LYS D 78 -1.82 -6.55 32.88
C LYS D 78 -1.15 -7.37 33.95
N GLU D 79 -0.89 -8.62 33.61
CA GLU D 79 -0.19 -9.54 34.49
C GLU D 79 1.30 -9.18 34.59
N GLN D 80 1.85 -8.63 33.50
CA GLN D 80 3.25 -8.21 33.46
C GLN D 80 3.46 -6.76 33.89
N LYS D 81 2.36 -6.04 34.06
CA LYS D 81 2.40 -4.63 34.43
C LYS D 81 3.25 -3.79 33.50
N ALA D 82 3.06 -4.00 32.22
CA ALA D 82 3.70 -3.18 31.21
C ALA D 82 2.75 -2.10 30.72
N ASN D 83 3.28 -0.90 30.51
CA ASN D 83 2.46 0.21 30.03
C ASN D 83 2.73 0.51 28.53
N VAL D 84 3.60 -0.26 27.87
CA VAL D 84 3.82 -0.07 26.43
C VAL D 84 3.91 -1.39 25.70
N PHE D 85 3.18 -1.51 24.59
CA PHE D 85 3.38 -2.58 23.61
C PHE D 85 4.41 -2.10 22.60
N LEU D 86 5.37 -2.97 22.24
CA LEU D 86 6.24 -2.69 21.11
C LEU D 86 5.91 -3.65 20.00
N ARG D 87 5.74 -3.10 18.79
CA ARG D 87 5.58 -3.90 17.58
C ARG D 87 6.50 -3.38 16.47
N GLY D 88 7.06 -4.28 15.69
CA GLY D 88 7.92 -3.88 14.61
C GLY D 88 7.15 -3.64 13.33
N LEU D 89 7.63 -2.69 12.52
CA LEU D 89 7.08 -2.43 11.20
C LEU D 89 8.21 -2.54 10.18
N ARG D 90 8.10 -3.44 9.20
CA ARG D 90 9.15 -3.58 8.19
C ARG D 90 8.56 -3.44 6.79
N ALA D 91 7.27 -3.75 6.65
CA ALA D 91 6.57 -3.62 5.37
C ALA D 91 5.27 -2.87 5.59
N VAL D 92 4.73 -2.28 4.52
CA VAL D 92 3.55 -1.44 4.66
C VAL D 92 2.30 -2.28 4.99
N SER D 93 2.35 -3.58 4.68
CA SER D 93 1.27 -4.48 5.02
C SER D 93 1.26 -4.79 6.52
N ASP D 94 2.43 -4.69 7.16
CA ASP D 94 2.51 -4.84 8.61
C ASP D 94 1.75 -3.72 9.28
N PHE D 95 1.95 -2.50 8.77
CA PHE D 95 1.35 -1.32 9.36
C PHE D 95 -0.17 -1.42 9.41
N GLU D 96 -0.77 -1.90 8.35
CA GLU D 96 -2.22 -2.05 8.33
C GLU D 96 -2.69 -2.96 9.43
N TYR D 97 -2.07 -4.12 9.54
CA TYR D 97 -2.40 -5.09 10.57
C TYR D 97 -2.12 -4.50 11.95
N GLU D 98 -0.96 -3.87 12.10
CA GLU D 98 -0.60 -3.28 13.37
C GLU D 98 -1.54 -2.13 13.74
N PHE D 99 -1.94 -1.33 12.77
CA PHE D 99 -2.85 -0.22 13.01
C PHE D 99 -4.15 -0.74 13.60
N GLN D 100 -4.59 -1.87 13.06
CA GLN D 100 -5.86 -2.44 13.41
C GLN D 100 -5.77 -3.17 14.76
N LEU D 101 -4.65 -3.81 14.99
CA LEU D 101 -4.40 -4.45 16.28
C LEU D 101 -4.29 -3.41 17.40
N ALA D 102 -3.63 -2.29 17.09
CA ALA D 102 -3.39 -1.26 18.10
C ALA D 102 -4.67 -0.63 18.59
N ASN D 103 -5.57 -0.34 17.66
CA ASN D 103 -6.79 0.33 18.03
C ASN D 103 -7.73 -0.61 18.76
N MET D 104 -7.57 -1.90 18.52
CA MET D 104 -8.44 -2.84 19.18
C MET D 104 -7.94 -3.10 20.60
N ASN D 105 -6.61 -3.11 20.76
CA ASN D 105 -6.02 -3.21 22.08
C ASN D 105 -6.26 -1.99 22.91
N ARG D 106 -6.41 -0.85 22.24
N ARG D 106 -6.39 -0.85 22.23
CA ARG D 106 -6.66 0.41 22.92
CA ARG D 106 -6.69 0.42 22.86
C ARG D 106 -8.04 0.33 23.57
C ARG D 106 -8.05 0.36 23.54
N GLN D 107 -8.92 -0.51 23.02
CA GLN D 107 -10.24 -0.72 23.61
C GLN D 107 -10.16 -1.72 24.76
N LEU D 108 -9.28 -2.71 24.62
CA LEU D 108 -9.19 -3.77 25.61
C LEU D 108 -8.26 -3.39 26.74
N ALA D 109 -7.23 -2.61 26.45
CA ALA D 109 -6.28 -2.18 27.45
C ALA D 109 -5.93 -0.71 27.21
N PRO D 110 -6.83 0.17 27.60
CA PRO D 110 -6.75 1.61 27.33
C PRO D 110 -5.55 2.28 27.99
N ASP D 111 -4.95 1.66 28.98
CA ASP D 111 -3.84 2.32 29.67
C ASP D 111 -2.46 1.83 29.19
N VAL D 112 -2.45 1.08 28.09
CA VAL D 112 -1.20 0.62 27.51
C VAL D 112 -1.01 1.27 26.16
N GLU D 113 0.15 1.88 25.95
CA GLU D 113 0.42 2.53 24.67
C GLU D 113 0.92 1.49 23.66
N SER D 114 0.63 1.71 22.38
CA SER D 114 1.21 0.89 21.32
C SER D 114 2.22 1.74 20.55
N MET D 115 3.47 1.29 20.53
CA MET D 115 4.49 2.00 19.78
C MET D 115 5.21 1.11 18.80
N PHE D 116 5.78 1.72 17.78
CA PHE D 116 6.41 0.94 16.74
C PHE D 116 7.83 1.40 16.47
N LEU D 117 8.66 0.42 16.14
CA LEU D 117 9.99 0.64 15.60
C LEU D 117 10.08 -0.06 14.27
N THR D 118 11.00 0.40 13.43
CA THR D 118 11.30 -0.26 12.17
C THR D 118 12.73 -0.75 12.28
N PRO D 119 13.00 -1.97 11.81
CA PRO D 119 14.37 -2.50 11.92
C PRO D 119 15.32 -1.80 10.95
N SER D 120 16.62 -1.87 11.21
CA SER D 120 17.63 -1.33 10.29
C SER D 120 17.44 -1.93 8.90
N GLU D 121 17.81 -1.19 7.87
CA GLU D 121 17.61 -1.68 6.49
C GLU D 121 18.27 -3.04 6.27
N LYS D 122 19.34 -3.34 7.01
CA LYS D 122 20.00 -4.63 6.88
C LYS D 122 19.14 -5.79 7.43
N TYR D 123 18.27 -5.52 8.39
CA TYR D 123 17.47 -6.60 9.00
C TYR D 123 16.01 -6.47 8.65
N SER D 124 15.71 -5.57 7.73
CA SER D 124 14.36 -5.21 7.34
C SER D 124 13.61 -6.36 6.67
N PHE D 125 14.26 -6.98 5.72
CA PHE D 125 13.68 -8.02 4.87
C PHE D 125 13.56 -9.44 5.46
N ILE D 126 13.89 -9.63 6.72
CA ILE D 126 13.92 -10.99 7.27
C ILE D 126 12.56 -11.49 7.77
N SER D 127 12.06 -12.54 7.12
CA SER D 127 10.82 -13.20 7.51
C SER D 127 11.10 -14.50 8.27
N SER D 128 10.47 -14.64 9.44
CA SER D 128 10.59 -15.85 10.24
C SER D 128 10.15 -17.06 9.43
N THR D 129 9.09 -16.88 8.66
CA THR D 129 8.52 -17.93 7.82
C THR D 129 9.51 -18.34 6.74
N LEU D 130 10.12 -17.35 6.09
CA LEU D 130 11.03 -17.64 5.01
C LEU D 130 12.29 -18.32 5.56
N VAL D 131 12.72 -17.91 6.76
CA VAL D 131 13.82 -18.59 7.45
C VAL D 131 13.53 -20.07 7.73
N ARG D 132 12.33 -20.38 8.23
CA ARG D 132 11.97 -21.78 8.53
C ARG D 132 12.04 -22.64 7.27
N GLU D 133 11.46 -22.16 6.17
CA GLU D 133 11.43 -22.89 4.93
C GLU D 133 12.83 -23.08 4.33
N ILE D 134 13.65 -22.03 4.38
CA ILE D 134 15.02 -22.15 3.87
C ILE D 134 15.74 -23.23 4.66
N ALA D 135 15.60 -23.19 5.98
CA ALA D 135 16.26 -24.17 6.82
C ALA D 135 15.77 -25.57 6.52
N ALA D 136 14.46 -25.73 6.37
CA ALA D 136 13.86 -27.04 6.06
C ALA D 136 14.39 -27.60 4.73
N LEU D 137 14.82 -26.74 3.82
CA LEU D 137 15.34 -27.23 2.56
C LEU D 137 16.87 -27.21 2.53
N GLY D 138 17.46 -27.11 3.73
CA GLY D 138 18.90 -27.17 3.89
C GLY D 138 19.68 -25.95 3.43
N GLY D 139 19.05 -24.79 3.38
CA GLY D 139 19.76 -23.57 3.04
C GLY D 139 20.41 -22.94 4.24
N ASP D 140 21.50 -22.23 4.00
CA ASP D 140 22.22 -21.54 5.05
C ASP D 140 21.42 -20.33 5.54
N ILE D 141 21.06 -20.34 6.82
CA ILE D 141 20.30 -19.23 7.38
C ILE D 141 21.08 -18.41 8.42
N SER D 142 22.39 -18.61 8.49
CA SER D 142 23.21 -17.98 9.52
C SER D 142 23.27 -16.46 9.37
N LYS D 143 22.91 -15.96 8.19
CA LYS D 143 22.88 -14.53 7.97
C LYS D 143 21.57 -13.90 8.46
N PHE D 144 20.59 -14.72 8.82
CA PHE D 144 19.30 -14.19 9.27
C PHE D 144 19.01 -14.38 10.77
N VAL D 145 19.76 -15.27 11.42
CA VAL D 145 19.53 -15.58 12.84
C VAL D 145 20.85 -15.72 13.59
N HIS D 146 20.75 -15.61 14.91
CA HIS D 146 21.84 -15.86 15.85
C HIS D 146 22.28 -17.33 15.78
N PRO D 147 23.58 -17.59 15.98
CA PRO D 147 24.14 -18.94 15.89
C PRO D 147 23.38 -20.01 16.67
N ALA D 148 22.91 -19.69 17.87
CA ALA D 148 22.18 -20.65 18.68
C ALA D 148 20.87 -21.08 18.02
N VAL D 149 20.27 -20.14 17.29
CA VAL D 149 19.04 -20.40 16.56
C VAL D 149 19.32 -21.22 15.30
N ALA D 150 20.39 -20.85 14.60
CA ALA D 150 20.83 -21.62 13.44
C ALA D 150 21.07 -23.05 13.86
N ASP D 151 21.78 -23.22 14.98
CA ASP D 151 22.04 -24.55 15.49
C ASP D 151 20.74 -25.27 15.83
N ALA D 152 19.79 -24.57 16.42
CA ALA D 152 18.51 -25.17 16.76
C ALA D 152 17.76 -25.63 15.52
N LEU D 153 17.84 -24.82 14.46
CA LEU D 153 17.20 -25.15 13.20
C LEU D 153 17.85 -26.36 12.56
N ALA D 154 19.17 -26.46 12.68
CA ALA D 154 19.90 -27.59 12.10
C ALA D 154 19.42 -28.90 12.75
N GLU D 155 19.35 -28.92 14.06
CA GLU D 155 18.91 -30.12 14.79
C GLU D 155 17.46 -30.47 14.53
N ARG D 156 16.64 -29.45 14.36
CA ARG D 156 15.21 -29.63 14.19
C ARG D 156 14.89 -30.42 12.93
N PHE D 157 15.71 -30.28 11.89
CA PHE D 157 15.36 -30.90 10.61
C PHE D 157 16.16 -32.18 10.28
N LYS D 158 16.90 -32.66 11.28
CA LYS D 158 17.58 -33.98 11.36
C LYS D 158 18.88 -33.83 12.16
N MET E 1 24.45 -15.40 -22.81
N MET E 1 23.78 -16.34 -23.34
CA MET E 1 24.15 -16.61 -22.04
CA MET E 1 24.41 -15.97 -22.07
C MET E 1 23.09 -16.26 -20.98
C MET E 1 23.39 -15.78 -20.94
N ASN E 2 22.18 -15.34 -21.29
CA ASN E 2 21.15 -15.04 -20.29
C ASN E 2 20.13 -16.18 -20.24
N ARG E 3 20.10 -16.84 -19.09
CA ARG E 3 19.14 -17.90 -18.86
C ARG E 3 18.22 -17.49 -17.72
N VAL E 4 16.93 -17.39 -17.98
CA VAL E 4 16.04 -16.89 -16.93
C VAL E 4 15.19 -18.03 -16.35
N LEU E 5 15.04 -18.02 -15.03
CA LEU E 5 14.23 -19.02 -14.38
C LEU E 5 12.99 -18.36 -13.76
N TYR E 6 11.83 -18.89 -14.13
CA TYR E 6 10.54 -18.39 -13.68
C TYR E 6 9.91 -19.43 -12.74
N PRO E 7 10.13 -19.27 -11.42
CA PRO E 7 9.60 -20.21 -10.43
C PRO E 7 8.20 -19.83 -9.97
N GLY E 8 7.40 -20.83 -9.68
CA GLY E 8 6.06 -20.60 -9.20
C GLY E 8 5.38 -21.91 -8.89
N THR E 9 4.24 -21.81 -8.23
CA THR E 9 3.45 -22.97 -7.94
C THR E 9 2.64 -23.37 -9.17
N PHE E 10 2.13 -22.37 -9.89
CA PHE E 10 1.35 -22.62 -11.09
C PHE E 10 0.29 -23.67 -10.86
N ASP E 11 -0.68 -23.38 -10.00
CA ASP E 11 -1.70 -24.33 -9.65
C ASP E 11 -3.09 -23.77 -9.92
N PRO E 12 -3.51 -23.73 -11.20
CA PRO E 12 -2.79 -24.06 -12.42
C PRO E 12 -2.15 -22.82 -13.04
N ILE E 13 -1.40 -23.01 -14.12
CA ILE E 13 -0.83 -21.91 -14.89
C ILE E 13 -1.96 -21.14 -15.57
N THR E 14 -1.87 -19.82 -15.56
CA THR E 14 -2.95 -18.99 -16.07
C THR E 14 -2.52 -18.19 -17.29
N LYS E 15 -3.44 -17.44 -17.88
CA LYS E 15 -3.06 -16.54 -18.96
C LYS E 15 -2.15 -15.44 -18.46
N GLY E 16 -2.25 -15.14 -17.16
CA GLY E 16 -1.39 -14.16 -16.51
C GLY E 16 0.04 -14.65 -16.60
N HIS E 17 0.28 -15.89 -16.18
CA HIS E 17 1.61 -16.47 -16.31
C HIS E 17 2.05 -16.54 -17.79
N GLY E 18 1.12 -16.98 -18.64
CA GLY E 18 1.40 -17.15 -20.05
C GLY E 18 1.87 -15.88 -20.74
N ASP E 19 1.28 -14.76 -20.36
CA ASP E 19 1.67 -13.47 -20.91
C ASP E 19 3.16 -13.20 -20.59
N LEU E 20 3.54 -13.43 -19.33
CA LEU E 20 4.91 -13.18 -18.90
C LEU E 20 5.92 -14.07 -19.61
N ILE E 21 5.51 -15.31 -19.86
CA ILE E 21 6.34 -16.32 -20.52
C ILE E 21 6.52 -16.01 -22.01
N GLU E 22 5.43 -15.62 -22.67
CA GLU E 22 5.48 -15.15 -24.04
C GLU E 22 6.50 -14.01 -24.14
N ARG E 23 6.35 -13.03 -23.25
CA ARG E 23 7.20 -11.86 -23.30
C ARG E 23 8.68 -12.18 -22.96
N ALA E 24 8.89 -13.07 -21.98
CA ALA E 24 10.24 -13.39 -21.52
C ALA E 24 10.94 -14.27 -22.54
N SER E 25 10.15 -15.01 -23.29
CA SER E 25 10.63 -15.81 -24.39
C SER E 25 11.24 -14.94 -25.50
N ARG E 26 10.68 -13.75 -25.73
CA ARG E 26 11.18 -12.93 -26.81
C ARG E 26 12.36 -12.09 -26.35
N LEU E 27 12.75 -12.26 -25.11
CA LEU E 27 13.69 -11.34 -24.48
C LEU E 27 14.97 -12.03 -24.01
N PHE E 28 14.85 -13.32 -23.74
CA PHE E 28 15.94 -14.13 -23.21
C PHE E 28 16.20 -15.34 -24.10
N ASP E 29 17.45 -15.81 -24.09
CA ASP E 29 17.85 -16.95 -24.91
C ASP E 29 17.19 -18.24 -24.44
N HIS E 30 17.11 -18.38 -23.12
CA HIS E 30 16.64 -19.61 -22.53
C HIS E 30 15.69 -19.26 -21.40
N VAL E 31 14.47 -19.81 -21.46
CA VAL E 31 13.49 -19.60 -20.42
C VAL E 31 13.13 -20.92 -19.74
N ILE E 32 13.38 -21.00 -18.44
CA ILE E 32 13.02 -22.16 -17.67
C ILE E 32 11.87 -21.83 -16.71
N ILE E 33 10.76 -22.54 -16.91
CA ILE E 33 9.65 -22.50 -15.97
C ILE E 33 9.90 -23.54 -14.90
N ALA E 34 10.12 -23.07 -13.67
CA ALA E 34 10.41 -23.97 -12.57
C ALA E 34 9.16 -24.12 -11.71
N VAL E 35 8.47 -25.24 -11.85
CA VAL E 35 7.26 -25.47 -11.08
C VAL E 35 7.61 -26.04 -9.72
N ALA E 36 7.32 -25.29 -8.67
CA ALA E 36 7.64 -25.72 -7.29
C ALA E 36 6.62 -26.71 -6.73
N ALA E 37 7.09 -27.74 -6.02
CA ALA E 37 6.22 -28.73 -5.40
C ALA E 37 5.21 -28.06 -4.46
N SER E 38 5.71 -27.11 -3.67
CA SER E 38 4.95 -26.36 -2.67
C SER E 38 3.97 -27.23 -1.88
N PRO E 39 4.50 -28.18 -1.10
CA PRO E 39 3.59 -29.11 -0.43
C PRO E 39 2.74 -28.39 0.60
N LYS E 40 3.22 -27.25 1.09
CA LYS E 40 2.55 -26.52 2.17
C LYS E 40 1.37 -25.70 1.66
N LYS E 41 1.32 -25.42 0.37
CA LYS E 41 0.10 -24.81 -0.16
C LYS E 41 -1.05 -25.76 -0.38
N ASN E 42 -0.81 -27.05 -0.17
CA ASN E 42 -1.74 -28.14 -0.50
C ASN E 42 -2.35 -27.98 -1.91
N PRO E 43 -1.52 -28.08 -2.96
CA PRO E 43 -1.94 -27.77 -4.34
C PRO E 43 -3.07 -28.66 -4.87
N LEU E 44 -3.98 -28.05 -5.63
CA LEU E 44 -5.06 -28.77 -6.26
C LEU E 44 -4.55 -29.81 -7.23
N PHE E 45 -3.59 -29.40 -8.08
CA PHE E 45 -2.95 -30.31 -9.03
C PHE E 45 -1.63 -30.80 -8.49
N SER E 46 -1.33 -32.06 -8.78
CA SER E 46 -0.05 -32.65 -8.43
C SER E 46 1.06 -31.93 -9.20
N LEU E 47 2.29 -32.08 -8.72
CA LEU E 47 3.45 -31.47 -9.36
C LEU E 47 3.52 -31.88 -10.84
N GLU E 48 3.38 -33.18 -11.10
CA GLU E 48 3.43 -33.74 -12.45
C GLU E 48 2.37 -33.15 -13.38
N GLN E 49 1.15 -33.01 -12.87
CA GLN E 49 0.08 -32.38 -13.66
C GLN E 49 0.39 -30.93 -13.96
N ARG E 50 0.89 -30.20 -12.97
CA ARG E 50 1.16 -28.78 -13.14
C ARG E 50 2.29 -28.57 -14.12
N VAL E 51 3.32 -29.40 -14.04
CA VAL E 51 4.39 -29.37 -15.04
C VAL E 51 3.79 -29.64 -16.43
N ALA E 52 2.94 -30.66 -16.52
CA ALA E 52 2.36 -31.04 -17.81
C ALA E 52 1.50 -29.92 -18.38
N LEU E 53 0.70 -29.31 -17.53
CA LEU E 53 -0.15 -28.22 -18.00
C LEU E 53 0.72 -27.07 -18.48
N ALA E 54 1.77 -26.74 -17.72
CA ALA E 54 2.68 -25.68 -18.10
C ALA E 54 3.39 -25.99 -19.44
N GLN E 55 3.71 -27.26 -19.65
CA GLN E 55 4.40 -27.68 -20.87
C GLN E 55 3.51 -27.49 -22.08
N GLU E 56 2.25 -27.88 -21.92
CA GLU E 56 1.22 -27.77 -22.97
C GLU E 56 1.00 -26.35 -23.41
N VAL E 57 0.96 -25.44 -22.44
CA VAL E 57 0.73 -24.02 -22.65
C VAL E 57 1.94 -23.35 -23.35
N THR E 58 3.11 -23.97 -23.22
CA THR E 58 4.32 -23.33 -23.74
C THR E 58 5.02 -24.12 -24.85
N LYS E 59 4.34 -25.14 -25.40
CA LYS E 59 4.96 -26.05 -26.36
C LYS E 59 5.31 -25.36 -27.69
N HIS E 60 4.64 -24.26 -27.99
CA HIS E 60 4.89 -23.52 -29.19
C HIS E 60 6.10 -22.60 -29.09
N LEU E 61 6.72 -22.52 -27.91
CA LEU E 61 7.86 -21.63 -27.72
C LEU E 61 9.17 -22.41 -27.63
N PRO E 62 10.00 -22.31 -28.67
CA PRO E 62 11.18 -23.18 -28.81
C PRO E 62 12.22 -23.00 -27.73
N ASN E 63 12.34 -21.81 -27.13
CA ASN E 63 13.41 -21.62 -26.13
C ASN E 63 12.89 -21.79 -24.70
N VAL E 64 11.69 -22.34 -24.57
CA VAL E 64 11.09 -22.55 -23.26
C VAL E 64 10.98 -24.02 -22.87
N GLU E 65 11.43 -24.33 -21.66
CA GLU E 65 11.24 -25.66 -21.10
C GLU E 65 10.74 -25.58 -19.66
N VAL E 66 10.13 -26.67 -19.22
CA VAL E 66 9.44 -26.75 -17.93
C VAL E 66 9.96 -27.90 -17.09
N VAL E 67 10.28 -27.63 -15.84
CA VAL E 67 10.78 -28.63 -14.95
C VAL E 67 10.17 -28.46 -13.55
N GLY E 68 9.98 -29.56 -12.84
CA GLY E 68 9.51 -29.53 -11.46
C GLY E 68 10.67 -29.60 -10.48
N PHE E 69 10.49 -29.03 -9.28
CA PHE E 69 11.53 -29.09 -8.26
C PHE E 69 10.92 -28.92 -6.89
N SER E 70 11.56 -29.53 -5.89
CA SER E 70 11.03 -29.45 -4.54
C SER E 70 12.11 -28.99 -3.57
N THR E 71 13.22 -28.50 -4.14
CA THR E 71 14.37 -28.05 -3.35
C THR E 71 14.36 -26.54 -3.12
N LEU E 72 15.36 -26.05 -2.40
CA LEU E 72 15.50 -24.62 -2.23
C LEU E 72 15.70 -23.95 -3.58
N LEU E 73 14.88 -22.94 -3.85
CA LEU E 73 14.97 -22.15 -5.07
C LEU E 73 16.39 -21.62 -5.29
N ALA E 74 17.00 -21.15 -4.21
CA ALA E 74 18.33 -20.57 -4.29
C ALA E 74 19.35 -21.63 -4.72
N HIS E 75 19.12 -22.88 -4.34
CA HIS E 75 19.99 -23.96 -4.79
C HIS E 75 19.61 -24.32 -6.20
N PHE E 76 18.31 -24.43 -6.45
CA PHE E 76 17.87 -24.91 -7.75
C PHE E 76 18.29 -24.02 -8.93
N VAL E 77 18.30 -22.70 -8.72
CA VAL E 77 18.66 -21.79 -9.80
C VAL E 77 20.13 -21.93 -10.19
N LYS E 78 20.98 -22.27 -9.22
CA LYS E 78 22.39 -22.44 -9.50
C LYS E 78 22.52 -23.75 -10.24
N GLU E 79 21.63 -24.66 -9.88
CA GLU E 79 21.66 -25.98 -10.45
C GLU E 79 21.25 -25.91 -11.91
N GLN E 80 20.42 -24.92 -12.21
CA GLN E 80 19.97 -24.70 -13.57
C GLN E 80 20.93 -23.78 -14.32
N LYS E 81 21.92 -23.23 -13.61
CA LYS E 81 22.83 -22.23 -14.16
C LYS E 81 22.06 -21.06 -14.82
N ALA E 82 21.04 -20.58 -14.14
CA ALA E 82 20.34 -19.41 -14.61
C ALA E 82 20.95 -18.20 -13.91
N ASN E 83 21.07 -17.09 -14.62
CA ASN E 83 21.62 -15.90 -13.97
C ASN E 83 20.53 -14.87 -13.61
N VAL E 84 19.27 -15.19 -13.92
CA VAL E 84 18.14 -14.30 -13.62
C VAL E 84 16.87 -15.01 -13.11
N PHE E 85 16.26 -14.51 -12.04
CA PHE E 85 14.90 -14.90 -11.67
C PHE E 85 13.91 -13.99 -12.40
N LEU E 86 12.82 -14.56 -12.88
CA LEU E 86 11.69 -13.75 -13.28
C LEU E 86 10.56 -13.93 -12.28
N ARG E 87 9.95 -12.82 -11.86
CA ARG E 87 8.75 -12.88 -11.04
C ARG E 87 7.73 -11.88 -11.59
N GLY E 88 6.45 -12.23 -11.53
CA GLY E 88 5.42 -11.34 -11.99
C GLY E 88 4.96 -10.39 -10.89
N LEU E 89 4.59 -9.16 -11.25
CA LEU E 89 3.97 -8.21 -10.31
C LEU E 89 2.61 -7.74 -10.81
N ARG E 90 1.57 -7.92 -9.99
CA ARG E 90 0.21 -7.54 -10.39
C ARG E 90 -0.47 -6.58 -9.39
N ALA E 91 -0.13 -6.69 -8.11
CA ALA E 91 -0.66 -5.81 -7.06
C ALA E 91 0.51 -5.34 -6.17
N VAL E 92 0.34 -4.28 -5.37
CA VAL E 92 1.50 -3.80 -4.60
C VAL E 92 1.81 -4.81 -3.50
N SER E 93 0.85 -5.67 -3.17
CA SER E 93 1.11 -6.70 -2.16
C SER E 93 2.03 -7.76 -2.75
N ASP E 94 1.97 -7.91 -4.07
CA ASP E 94 2.93 -8.77 -4.74
C ASP E 94 4.30 -8.14 -4.61
N PHE E 95 4.37 -6.82 -4.82
CA PHE E 95 5.64 -6.10 -4.78
C PHE E 95 6.32 -6.27 -3.41
N GLU E 96 5.53 -6.16 -2.35
CA GLU E 96 6.05 -6.34 -0.99
C GLU E 96 6.71 -7.69 -0.75
N TYR E 97 5.96 -8.74 -1.05
CA TYR E 97 6.42 -10.10 -0.84
C TYR E 97 7.62 -10.38 -1.75
N GLU E 98 7.52 -10.01 -3.02
CA GLU E 98 8.60 -10.25 -3.97
C GLU E 98 9.87 -9.50 -3.58
N PHE E 99 9.70 -8.28 -3.08
CA PHE E 99 10.83 -7.44 -2.66
C PHE E 99 11.62 -8.16 -1.57
N GLN E 100 10.90 -8.81 -0.68
CA GLN E 100 11.52 -9.47 0.45
C GLN E 100 12.13 -10.80 0.01
N LEU E 101 11.49 -11.47 -0.93
CA LEU E 101 12.00 -12.72 -1.47
C LEU E 101 13.30 -12.48 -2.25
N ALA E 102 13.32 -11.39 -3.01
CA ALA E 102 14.47 -11.04 -3.79
C ALA E 102 15.64 -10.71 -2.88
N ASN E 103 15.39 -10.03 -1.77
CA ASN E 103 16.50 -9.62 -0.92
C ASN E 103 17.07 -10.82 -0.13
N MET E 104 16.26 -11.84 0.11
CA MET E 104 16.75 -13.01 0.81
C MET E 104 17.43 -13.97 -0.15
N ASN E 105 16.94 -14.05 -1.39
CA ASN E 105 17.63 -14.85 -2.41
C ASN E 105 18.98 -14.23 -2.76
N ARG E 106 19.05 -12.91 -2.62
N ARG E 106 19.05 -12.91 -2.67
CA ARG E 106 20.26 -12.13 -2.89
CA ARG E 106 20.28 -12.20 -2.96
C ARG E 106 21.34 -12.55 -1.91
C ARG E 106 21.35 -12.58 -1.93
N GLN E 107 20.92 -12.95 -0.72
CA GLN E 107 21.86 -13.39 0.30
C GLN E 107 22.28 -14.84 -0.01
N LEU E 108 21.35 -15.63 -0.53
CA LEU E 108 21.61 -17.04 -0.78
C LEU E 108 22.27 -17.30 -2.14
N ALA E 109 21.94 -16.46 -3.11
CA ALA E 109 22.47 -16.60 -4.47
C ALA E 109 22.84 -15.22 -5.03
N PRO E 110 23.96 -14.66 -4.55
CA PRO E 110 24.34 -13.28 -4.87
C PRO E 110 24.65 -13.03 -6.36
N ASP E 111 24.87 -14.06 -7.16
CA ASP E 111 25.15 -13.81 -8.58
C ASP E 111 23.93 -13.98 -9.46
N VAL E 112 22.77 -14.06 -8.84
CA VAL E 112 21.54 -14.17 -9.61
C VAL E 112 20.71 -12.92 -9.42
N GLU E 113 20.29 -12.35 -10.53
CA GLU E 113 19.48 -11.16 -10.55
C GLU E 113 17.99 -11.47 -10.33
N SER E 114 17.26 -10.59 -9.68
CA SER E 114 15.81 -10.73 -9.62
C SER E 114 15.17 -9.64 -10.46
N MET E 115 14.39 -10.01 -11.46
CA MET E 115 13.76 -9.02 -12.32
C MET E 115 12.27 -9.27 -12.37
N PHE E 116 11.52 -8.22 -12.70
CA PHE E 116 10.07 -8.29 -12.66
C PHE E 116 9.47 -7.78 -13.93
N LEU E 117 8.37 -8.41 -14.29
CA LEU E 117 7.53 -7.94 -15.37
C LEU E 117 6.13 -7.80 -14.82
N THR E 118 5.34 -6.93 -15.44
CA THR E 118 3.96 -6.87 -15.05
C THR E 118 3.13 -7.35 -16.23
N PRO E 119 2.09 -8.17 -15.99
CA PRO E 119 1.31 -8.71 -17.10
C PRO E 119 0.50 -7.62 -17.80
N SER E 120 0.12 -7.90 -19.05
CA SER E 120 -0.73 -6.99 -19.81
C SER E 120 -1.98 -6.70 -18.99
N GLU E 121 -2.56 -5.51 -19.17
CA GLU E 121 -3.69 -5.05 -18.36
C GLU E 121 -4.85 -6.04 -18.35
N LYS E 122 -4.99 -6.78 -19.44
CA LYS E 122 -6.04 -7.77 -19.58
C LYS E 122 -5.86 -8.99 -18.70
N TYR E 123 -4.62 -9.29 -18.34
CA TYR E 123 -4.35 -10.49 -17.57
C TYR E 123 -3.87 -10.18 -16.15
N SER E 124 -3.90 -8.91 -15.78
CA SER E 124 -3.43 -8.41 -14.48
C SER E 124 -4.29 -8.86 -13.30
N PHE E 125 -5.60 -8.90 -13.50
CA PHE E 125 -6.51 -9.25 -12.43
C PHE E 125 -6.63 -10.76 -12.21
N ILE E 126 -5.87 -11.55 -12.96
CA ILE E 126 -6.03 -13.00 -12.91
C ILE E 126 -5.28 -13.65 -11.77
N SER E 127 -6.04 -14.22 -10.84
CA SER E 127 -5.55 -14.99 -9.71
C SER E 127 -5.76 -16.49 -9.93
N SER E 128 -4.69 -17.25 -9.74
CA SER E 128 -4.76 -18.69 -9.83
C SER E 128 -5.78 -19.29 -8.83
N THR E 129 -5.81 -18.68 -7.64
CA THR E 129 -6.67 -19.09 -6.54
C THR E 129 -8.14 -18.89 -6.91
N LEU E 130 -8.43 -17.74 -7.51
CA LEU E 130 -9.80 -17.45 -7.92
C LEU E 130 -10.25 -18.30 -9.07
N VAL E 131 -9.33 -18.61 -9.98
CA VAL E 131 -9.61 -19.53 -11.06
C VAL E 131 -10.05 -20.88 -10.49
N ARG E 132 -9.30 -21.38 -9.49
CA ARG E 132 -9.65 -22.64 -8.85
C ARG E 132 -11.03 -22.58 -8.22
N GLU E 133 -11.29 -21.52 -7.48
CA GLU E 133 -12.54 -21.39 -6.74
C GLU E 133 -13.73 -21.27 -7.69
N ILE E 134 -13.56 -20.51 -8.76
CA ILE E 134 -14.63 -20.37 -9.73
C ILE E 134 -14.94 -21.75 -10.36
N ALA E 135 -13.89 -22.47 -10.74
CA ALA E 135 -14.04 -23.79 -11.35
C ALA E 135 -14.71 -24.77 -10.39
N ALA E 136 -14.28 -24.75 -9.13
CA ALA E 136 -14.85 -25.63 -8.09
C ALA E 136 -16.35 -25.40 -7.95
N LEU E 137 -16.81 -24.20 -8.32
CA LEU E 137 -18.22 -23.86 -8.24
C LEU E 137 -18.89 -23.89 -9.62
N GLY E 138 -18.22 -24.49 -10.60
CA GLY E 138 -18.83 -24.68 -11.92
C GLY E 138 -18.96 -23.43 -12.75
N GLY E 139 -18.09 -22.45 -12.48
CA GLY E 139 -18.05 -21.24 -13.26
C GLY E 139 -17.15 -21.37 -14.48
N ASP E 140 -17.43 -20.60 -15.52
CA ASP E 140 -16.62 -20.53 -16.72
C ASP E 140 -15.33 -19.74 -16.49
N ILE E 141 -14.19 -20.40 -16.64
CA ILE E 141 -12.90 -19.72 -16.49
C ILE E 141 -12.10 -19.61 -17.79
N SER E 142 -12.77 -19.77 -18.93
CA SER E 142 -12.08 -19.85 -20.23
C SER E 142 -11.41 -18.55 -20.63
N LYS E 143 -11.78 -17.45 -20.00
CA LYS E 143 -11.16 -16.18 -20.29
C LYS E 143 -9.86 -15.98 -19.50
N PHE E 144 -9.61 -16.85 -18.53
CA PHE E 144 -8.47 -16.71 -17.64
C PHE E 144 -7.35 -17.73 -17.85
N VAL E 145 -7.66 -18.80 -18.58
CA VAL E 145 -6.69 -19.88 -18.77
C VAL E 145 -6.79 -20.45 -20.19
N HIS E 146 -5.73 -21.16 -20.58
CA HIS E 146 -5.68 -21.91 -21.83
C HIS E 146 -6.73 -23.02 -21.80
N PRO E 147 -7.31 -23.38 -22.95
CA PRO E 147 -8.35 -24.42 -23.02
C PRO E 147 -8.00 -25.71 -22.29
N ALA E 148 -6.76 -26.17 -22.40
CA ALA E 148 -6.34 -27.40 -21.76
C ALA E 148 -6.40 -27.28 -20.27
N VAL E 149 -6.12 -26.08 -19.76
CA VAL E 149 -6.20 -25.86 -18.32
C VAL E 149 -7.67 -25.79 -17.89
N ALA E 150 -8.47 -25.10 -18.70
CA ALA E 150 -9.89 -25.02 -18.44
C ALA E 150 -10.47 -26.43 -18.34
N ASP E 151 -10.10 -27.25 -19.32
CA ASP E 151 -10.54 -28.64 -19.36
C ASP E 151 -10.05 -29.44 -18.15
N ALA E 152 -8.79 -29.27 -17.77
CA ALA E 152 -8.25 -30.00 -16.62
C ALA E 152 -8.96 -29.63 -15.30
N LEU E 153 -9.27 -28.35 -15.13
CA LEU E 153 -10.00 -27.92 -13.94
C LEU E 153 -11.42 -28.49 -13.88
N ALA E 154 -12.09 -28.53 -15.03
CA ALA E 154 -13.45 -29.07 -15.09
C ALA E 154 -13.46 -30.52 -14.66
N GLU E 155 -12.53 -31.28 -15.21
CA GLU E 155 -12.46 -32.70 -14.92
C GLU E 155 -12.09 -32.90 -13.47
N ARG E 156 -11.26 -32.00 -12.96
CA ARG E 156 -10.73 -32.11 -11.60
C ARG E 156 -11.82 -32.08 -10.53
N PHE E 157 -12.87 -31.32 -10.79
CA PHE E 157 -13.92 -31.12 -9.80
C PHE E 157 -15.13 -31.97 -10.17
N LYS E 158 -14.93 -33.30 -10.14
CA LYS E 158 -15.92 -34.35 -10.46
C LYS E 158 -15.23 -35.62 -10.94
N MET F 1 -35.08 9.15 -6.01
CA MET F 1 -34.81 10.50 -5.53
C MET F 1 -33.31 10.62 -5.19
N ASN F 2 -32.52 9.62 -5.61
CA ASN F 2 -31.08 9.65 -5.36
C ASN F 2 -30.40 10.63 -6.33
N ARG F 3 -29.73 11.62 -5.77
CA ARG F 3 -29.01 12.55 -6.62
C ARG F 3 -27.53 12.44 -6.34
N VAL F 4 -26.72 12.09 -7.34
CA VAL F 4 -25.32 11.89 -7.02
C VAL F 4 -24.48 13.05 -7.56
N LEU F 5 -23.52 13.50 -6.75
CA LEU F 5 -22.61 14.54 -7.17
C LEU F 5 -21.20 13.95 -7.29
N TYR F 6 -20.62 14.16 -8.47
CA TYR F 6 -19.27 13.69 -8.81
C TYR F 6 -18.33 14.89 -8.89
N PRO F 7 -17.64 15.19 -7.79
CA PRO F 7 -16.73 16.34 -7.79
C PRO F 7 -15.33 15.99 -8.27
N GLY F 8 -14.68 16.92 -8.96
CA GLY F 8 -13.33 16.73 -9.42
C GLY F 8 -12.78 17.94 -10.15
N THR F 9 -11.49 17.92 -10.41
CA THR F 9 -10.87 19.00 -11.16
C THR F 9 -11.12 18.84 -12.65
N PHE F 10 -11.06 17.60 -13.12
CA PHE F 10 -11.28 17.30 -14.53
C PHE F 10 -10.45 18.22 -15.42
N ASP F 11 -9.14 18.10 -15.35
CA ASP F 11 -8.27 18.96 -16.12
C ASP F 11 -7.37 18.16 -17.02
N PRO F 12 -7.90 17.63 -18.13
CA PRO F 12 -9.29 17.59 -18.58
C PRO F 12 -10.00 16.31 -18.15
N ILE F 13 -11.30 16.23 -18.47
CA ILE F 13 -12.08 15.01 -18.28
C ILE F 13 -11.55 13.93 -19.22
N THR F 14 -11.44 12.71 -18.69
CA THR F 14 -10.85 11.61 -19.44
C THR F 14 -11.87 10.53 -19.68
N LYS F 15 -11.46 9.50 -20.41
CA LYS F 15 -12.30 8.33 -20.60
C LYS F 15 -12.47 7.62 -19.27
N GLY F 16 -11.50 7.82 -18.37
CA GLY F 16 -11.58 7.28 -17.04
C GLY F 16 -12.77 7.86 -16.32
N HIS F 17 -12.87 9.18 -16.34
CA HIS F 17 -14.04 9.85 -15.76
C HIS F 17 -15.34 9.46 -16.46
N GLY F 18 -15.29 9.43 -17.79
CA GLY F 18 -16.44 9.15 -18.60
C GLY F 18 -17.06 7.80 -18.32
N ASP F 19 -16.21 6.80 -18.09
CA ASP F 19 -16.69 5.48 -17.78
C ASP F 19 -17.54 5.51 -16.50
N LEU F 20 -17.03 6.20 -15.48
CA LEU F 20 -17.75 6.29 -14.21
C LEU F 20 -19.09 7.01 -14.36
N ILE F 21 -19.10 8.02 -15.22
CA ILE F 21 -20.28 8.83 -15.47
C ILE F 21 -21.34 8.03 -16.21
N GLU F 22 -20.92 7.27 -17.22
CA GLU F 22 -21.81 6.34 -17.93
C GLU F 22 -22.48 5.42 -16.92
N ARG F 23 -21.67 4.83 -16.06
CA ARG F 23 -22.16 3.85 -15.10
C ARG F 23 -23.06 4.50 -14.04
N ALA F 24 -22.69 5.69 -13.56
CA ALA F 24 -23.46 6.35 -12.51
C ALA F 24 -24.76 6.84 -13.06
N SER F 25 -24.74 7.13 -14.36
CA SER F 25 -25.93 7.56 -15.07
C SER F 25 -27.01 6.47 -15.11
N ARG F 26 -26.59 5.21 -15.19
CA ARG F 26 -27.56 4.14 -15.27
C ARG F 26 -28.00 3.69 -13.90
N LEU F 27 -27.45 4.33 -12.88
CA LEU F 27 -27.61 3.83 -11.55
C LEU F 27 -28.39 4.79 -10.67
N PHE F 28 -28.32 6.06 -11.03
CA PHE F 28 -28.93 7.13 -10.27
C PHE F 28 -29.87 7.97 -11.13
N ASP F 29 -30.86 8.57 -10.49
CA ASP F 29 -31.83 9.38 -11.19
C ASP F 29 -31.21 10.65 -11.76
N HIS F 30 -30.35 11.25 -10.96
CA HIS F 30 -29.77 12.53 -11.30
C HIS F 30 -28.30 12.50 -10.99
N VAL F 31 -27.49 12.81 -12.00
CA VAL F 31 -26.05 12.81 -11.82
C VAL F 31 -25.49 14.23 -12.03
N ILE F 32 -24.85 14.77 -11.00
CA ILE F 32 -24.24 16.07 -11.15
C ILE F 32 -22.71 15.98 -11.13
N ILE F 33 -22.11 16.41 -12.25
CA ILE F 33 -20.67 16.55 -12.36
C ILE F 33 -20.27 17.94 -11.87
N ALA F 34 -19.58 17.98 -10.74
CA ALA F 34 -19.17 19.23 -10.12
C ALA F 34 -17.69 19.50 -10.41
N VAL F 35 -17.43 20.42 -11.32
CA VAL F 35 -16.05 20.76 -11.66
C VAL F 35 -15.55 21.84 -10.70
N ALA F 36 -14.53 21.48 -9.93
CA ALA F 36 -13.93 22.39 -8.93
C ALA F 36 -12.96 23.36 -9.58
N ALA F 37 -12.99 24.64 -9.17
CA ALA F 37 -12.06 25.63 -9.68
C ALA F 37 -10.62 25.16 -9.50
N SER F 38 -10.34 24.63 -8.31
CA SER F 38 -9.02 24.16 -7.88
C SER F 38 -7.87 25.08 -8.28
N PRO F 39 -7.92 26.35 -7.82
CA PRO F 39 -6.92 27.30 -8.33
C PRO F 39 -5.50 26.92 -7.95
N LYS F 40 -5.35 26.15 -6.86
CA LYS F 40 -4.05 25.82 -6.30
C LYS F 40 -3.33 24.71 -7.05
N LYS F 41 -4.04 24.00 -7.91
CA LYS F 41 -3.38 23.09 -8.84
C LYS F 41 -2.99 23.76 -10.15
N ASN F 42 -3.26 25.05 -10.25
CA ASN F 42 -3.07 25.83 -11.48
C ASN F 42 -3.47 25.00 -12.71
N PRO F 43 -4.80 24.81 -12.90
CA PRO F 43 -5.28 23.91 -13.96
C PRO F 43 -4.87 24.40 -15.35
N LEU F 44 -4.54 23.49 -16.25
CA LEU F 44 -4.23 23.85 -17.62
C LEU F 44 -5.40 24.55 -18.28
N PHE F 45 -6.59 23.99 -18.12
CA PHE F 45 -7.78 24.58 -18.68
C PHE F 45 -8.49 25.41 -17.64
N SER F 46 -9.08 26.51 -18.08
CA SER F 46 -9.91 27.33 -17.20
C SER F 46 -11.13 26.54 -16.75
N LEU F 47 -11.75 27.00 -15.68
CA LEU F 47 -12.95 26.36 -15.16
C LEU F 47 -14.02 26.24 -16.27
N GLU F 48 -14.29 27.33 -16.99
CA GLU F 48 -15.27 27.32 -18.06
C GLU F 48 -14.94 26.31 -19.16
N GLN F 49 -13.68 26.25 -19.55
CA GLN F 49 -13.28 25.26 -20.54
C GLN F 49 -13.53 23.85 -20.03
N ARG F 50 -13.21 23.62 -18.77
CA ARG F 50 -13.34 22.29 -18.18
C ARG F 50 -14.81 21.88 -18.05
N VAL F 51 -15.67 22.82 -17.66
CA VAL F 51 -17.11 22.58 -17.68
C VAL F 51 -17.57 22.25 -19.10
N ALA F 52 -17.11 23.03 -20.07
CA ALA F 52 -17.54 22.84 -21.45
C ALA F 52 -17.16 21.47 -21.98
N LEU F 53 -15.92 21.08 -21.72
CA LEU F 53 -15.45 19.79 -22.18
C LEU F 53 -16.26 18.66 -21.54
N ALA F 54 -16.53 18.78 -20.24
CA ALA F 54 -17.31 17.79 -19.53
C ALA F 54 -18.75 17.70 -20.11
N GLN F 55 -19.28 18.86 -20.51
CA GLN F 55 -20.64 18.93 -21.05
C GLN F 55 -20.66 18.20 -22.38
N GLU F 56 -19.63 18.47 -23.18
CA GLU F 56 -19.50 17.87 -24.50
C GLU F 56 -19.47 16.35 -24.43
N VAL F 57 -18.71 15.85 -23.47
CA VAL F 57 -18.52 14.42 -23.25
C VAL F 57 -19.78 13.73 -22.70
N THR F 58 -20.67 14.49 -22.08
CA THR F 58 -21.81 13.87 -21.41
C THR F 58 -23.17 14.26 -21.99
N LYS F 59 -23.16 14.93 -23.15
CA LYS F 59 -24.38 15.50 -23.71
C LYS F 59 -25.39 14.45 -24.17
N HIS F 60 -24.94 13.22 -24.40
CA HIS F 60 -25.80 12.12 -24.78
C HIS F 60 -26.50 11.48 -23.58
N LEU F 61 -26.21 11.94 -22.37
CA LEU F 61 -26.82 11.36 -21.18
C LEU F 61 -27.85 12.31 -20.60
N PRO F 62 -29.13 11.95 -20.73
CA PRO F 62 -30.22 12.88 -20.44
C PRO F 62 -30.31 13.30 -18.98
N ASN F 63 -29.88 12.43 -18.06
CA ASN F 63 -30.00 12.73 -16.62
C ASN F 63 -28.72 13.28 -15.98
N VAL F 64 -27.76 13.64 -16.82
CA VAL F 64 -26.49 14.18 -16.36
C VAL F 64 -26.32 15.66 -16.70
N GLU F 65 -25.94 16.44 -15.70
CA GLU F 65 -25.58 17.82 -15.94
C GLU F 65 -24.29 18.23 -15.25
N VAL F 66 -23.72 19.32 -15.74
CA VAL F 66 -22.39 19.76 -15.35
C VAL F 66 -22.39 21.18 -14.83
N VAL F 67 -21.73 21.41 -13.70
CA VAL F 67 -21.66 22.73 -13.10
C VAL F 67 -20.25 22.99 -12.51
N GLY F 68 -19.81 24.25 -12.55
CA GLY F 68 -18.55 24.63 -11.92
C GLY F 68 -18.79 25.23 -10.55
N PHE F 69 -17.82 25.08 -9.66
CA PHE F 69 -17.94 25.66 -8.32
C PHE F 69 -16.56 25.89 -7.72
N SER F 70 -16.46 26.91 -6.85
CA SER F 70 -15.20 27.30 -6.22
C SER F 70 -15.36 27.26 -4.72
N THR F 71 -16.49 26.76 -4.26
CA THR F 71 -16.77 26.77 -2.82
C THR F 71 -16.43 25.43 -2.16
N LEU F 72 -16.62 25.39 -0.85
CA LEU F 72 -16.45 24.17 -0.09
C LEU F 72 -17.39 23.08 -0.62
N LEU F 73 -16.81 21.93 -0.96
CA LEU F 73 -17.55 20.78 -1.45
C LEU F 73 -18.69 20.40 -0.52
N ALA F 74 -18.39 20.41 0.77
CA ALA F 74 -19.36 20.02 1.78
C ALA F 74 -20.55 20.98 1.80
N HIS F 75 -20.31 22.24 1.46
CA HIS F 75 -21.38 23.23 1.33
C HIS F 75 -22.07 23.05 0.00
N PHE F 76 -21.26 22.87 -1.04
CA PHE F 76 -21.81 22.82 -2.38
C PHE F 76 -22.78 21.66 -2.60
N VAL F 77 -22.47 20.50 -2.01
CA VAL F 77 -23.31 19.33 -2.20
C VAL F 77 -24.68 19.51 -1.53
N LYS F 78 -24.72 20.28 -0.44
CA LYS F 78 -25.98 20.50 0.24
C LYS F 78 -26.74 21.47 -0.63
N GLU F 79 -25.98 22.34 -1.30
CA GLU F 79 -26.56 23.35 -2.14
C GLU F 79 -27.17 22.69 -3.35
N GLN F 80 -26.61 21.56 -3.71
CA GLN F 80 -27.12 20.84 -4.86
C GLN F 80 -28.22 19.88 -4.43
N LYS F 81 -28.46 19.82 -3.12
CA LYS F 81 -29.40 18.85 -2.57
C LYS F 81 -29.05 17.43 -3.06
N ALA F 82 -27.77 17.09 -3.08
CA ALA F 82 -27.38 15.73 -3.44
C ALA F 82 -27.18 14.89 -2.19
N ASN F 83 -27.56 13.63 -2.24
CA ASN F 83 -27.41 12.81 -1.05
C ASN F 83 -26.25 11.83 -1.14
N VAL F 84 -25.55 11.84 -2.28
CA VAL F 84 -24.40 10.95 -2.47
C VAL F 84 -23.24 11.66 -3.19
N PHE F 85 -22.03 11.52 -2.66
CA PHE F 85 -20.79 11.82 -3.40
C PHE F 85 -20.39 10.58 -4.18
N LEU F 86 -19.97 10.75 -5.42
CA LEU F 86 -19.29 9.68 -6.14
C LEU F 86 -17.82 10.04 -6.31
N ARG F 87 -16.92 9.09 -6.01
CA ARG F 87 -15.49 9.27 -6.25
C ARG F 87 -14.94 8.02 -6.93
N GLY F 88 -13.98 8.18 -7.84
CA GLY F 88 -13.39 7.03 -8.53
C GLY F 88 -12.20 6.45 -7.78
N LEU F 89 -12.01 5.14 -7.87
CA LEU F 89 -10.82 4.50 -7.28
C LEU F 89 -10.07 3.69 -8.34
N ARG F 90 -8.77 3.95 -8.52
CA ARG F 90 -7.98 3.18 -9.49
C ARG F 90 -6.74 2.55 -8.85
N ALA F 91 -6.19 3.21 -7.85
CA ALA F 91 -4.99 2.74 -7.16
C ALA F 91 -5.18 2.83 -5.65
N VAL F 92 -4.32 2.16 -4.89
CA VAL F 92 -4.47 2.16 -3.45
C VAL F 92 -4.16 3.54 -2.83
N SER F 93 -3.39 4.37 -3.53
CA SER F 93 -3.10 5.70 -2.99
C SER F 93 -4.34 6.60 -3.13
N ASP F 94 -5.15 6.28 -4.12
CA ASP F 94 -6.41 6.99 -4.27
C ASP F 94 -7.30 6.61 -3.10
N PHE F 95 -7.33 5.32 -2.78
CA PHE F 95 -8.17 4.82 -1.70
C PHE F 95 -7.82 5.51 -0.38
N GLU F 96 -6.52 5.67 -0.12
CA GLU F 96 -6.08 6.33 1.10
C GLU F 96 -6.61 7.77 1.20
N TYR F 97 -6.39 8.52 0.14
CA TYR F 97 -6.81 9.90 0.07
C TYR F 97 -8.33 10.00 0.13
N GLU F 98 -9.02 9.16 -0.64
CA GLU F 98 -10.49 9.19 -0.66
C GLU F 98 -11.10 8.81 0.69
N PHE F 99 -10.47 7.85 1.36
CA PHE F 99 -10.92 7.39 2.67
C PHE F 99 -10.87 8.58 3.65
N GLN F 100 -9.83 9.38 3.53
CA GLN F 100 -9.63 10.47 4.46
C GLN F 100 -10.56 11.62 4.11
N LEU F 101 -10.77 11.82 2.81
CA LEU F 101 -11.70 12.84 2.34
C LEU F 101 -13.13 12.50 2.73
N ALA F 102 -13.47 11.22 2.63
CA ALA F 102 -14.80 10.78 2.98
C ALA F 102 -15.07 10.99 4.46
N ASN F 103 -14.06 10.74 5.30
CA ASN F 103 -14.29 10.88 6.73
C ASN F 103 -14.35 12.35 7.19
N MET F 104 -13.71 13.25 6.47
CA MET F 104 -13.79 14.66 6.84
C MET F 104 -15.06 15.29 6.28
N ASN F 105 -15.52 14.83 5.12
CA ASN F 105 -16.81 15.28 4.59
C ASN F 105 -17.98 14.78 5.43
N ARG F 106 -17.80 13.61 6.04
CA ARG F 106 -18.81 12.98 6.87
C ARG F 106 -19.03 13.82 8.12
N GLN F 107 -17.99 14.55 8.52
CA GLN F 107 -18.10 15.46 9.66
C GLN F 107 -18.78 16.75 9.21
N LEU F 108 -18.52 17.15 7.97
CA LEU F 108 -19.06 18.42 7.47
C LEU F 108 -20.45 18.29 6.88
N ALA F 109 -20.72 17.14 6.27
CA ALA F 109 -22.03 16.87 5.67
C ALA F 109 -22.45 15.44 6.01
N PRO F 110 -22.93 15.24 7.24
CA PRO F 110 -23.23 13.91 7.80
C PRO F 110 -24.35 13.15 7.08
N ASP F 111 -25.18 13.84 6.32
CA ASP F 111 -26.30 13.17 5.64
C ASP F 111 -25.99 12.89 4.19
N VAL F 112 -24.72 13.04 3.83
CA VAL F 112 -24.33 12.75 2.47
C VAL F 112 -23.43 11.53 2.46
N GLU F 113 -23.80 10.56 1.64
CA GLU F 113 -23.06 9.32 1.56
C GLU F 113 -21.85 9.48 0.62
N SER F 114 -20.76 8.78 0.91
CA SER F 114 -19.63 8.72 -0.02
C SER F 114 -19.55 7.34 -0.60
N MET F 115 -19.65 7.24 -1.92
CA MET F 115 -19.57 5.94 -2.56
C MET F 115 -18.49 5.96 -3.65
N PHE F 116 -17.97 4.78 -3.96
CA PHE F 116 -16.85 4.67 -4.86
C PHE F 116 -17.13 3.69 -5.95
N LEU F 117 -16.61 4.00 -7.13
CA LEU F 117 -16.58 3.07 -8.23
C LEU F 117 -15.15 2.95 -8.75
N THR F 118 -14.85 1.80 -9.38
CA THR F 118 -13.58 1.61 -10.04
C THR F 118 -13.88 1.53 -11.53
N PRO F 119 -13.06 2.19 -12.36
CA PRO F 119 -13.30 2.17 -13.82
C PRO F 119 -12.99 0.80 -14.40
N SER F 120 -13.56 0.54 -15.57
CA SER F 120 -13.24 -0.67 -16.30
C SER F 120 -11.72 -0.68 -16.47
N GLU F 121 -11.15 -1.87 -16.47
CA GLU F 121 -9.70 -2.05 -16.54
C GLU F 121 -9.05 -1.40 -17.74
N LYS F 122 -9.81 -1.26 -18.82
CA LYS F 122 -9.29 -0.62 -20.02
C LYS F 122 -9.06 0.88 -19.78
N TYR F 123 -9.79 1.47 -18.84
CA TYR F 123 -9.63 2.90 -18.57
C TYR F 123 -9.04 3.17 -17.18
N SER F 124 -8.66 2.10 -16.48
CA SER F 124 -8.15 2.19 -15.09
C SER F 124 -6.75 2.82 -14.97
N PHE F 125 -5.95 2.70 -16.01
CA PHE F 125 -4.58 3.22 -15.99
C PHE F 125 -4.47 4.70 -16.38
N ILE F 126 -5.60 5.35 -16.67
CA ILE F 126 -5.61 6.72 -17.21
C ILE F 126 -5.54 7.84 -16.18
N SER F 127 -4.46 8.61 -16.25
CA SER F 127 -4.24 9.81 -15.45
C SER F 127 -4.41 11.11 -16.26
N SER F 128 -5.22 12.04 -15.78
CA SER F 128 -5.36 13.32 -16.47
C SER F 128 -4.01 14.06 -16.57
N THR F 129 -3.18 13.95 -15.54
CA THR F 129 -1.87 14.59 -15.51
C THR F 129 -0.99 14.03 -16.63
N LEU F 130 -1.05 12.72 -16.79
CA LEU F 130 -0.24 12.05 -17.78
C LEU F 130 -0.73 12.41 -19.17
N VAL F 131 -2.04 12.54 -19.30
CA VAL F 131 -2.63 12.98 -20.55
C VAL F 131 -2.11 14.37 -20.90
N ARG F 132 -2.09 15.26 -19.92
CA ARG F 132 -1.56 16.61 -20.14
C ARG F 132 -0.10 16.60 -20.57
N GLU F 133 0.72 15.82 -19.88
CA GLU F 133 2.15 15.80 -20.17
C GLU F 133 2.42 15.19 -21.53
N ILE F 134 1.70 14.12 -21.86
CA ILE F 134 1.86 13.51 -23.18
C ILE F 134 1.47 14.48 -24.30
N ALA F 135 0.32 15.16 -24.14
CA ALA F 135 -0.11 16.11 -25.16
C ALA F 135 0.88 17.28 -25.30
N ALA F 136 1.38 17.79 -24.17
CA ALA F 136 2.36 18.90 -24.18
C ALA F 136 3.61 18.53 -24.96
N LEU F 137 3.89 17.25 -25.08
CA LEU F 137 5.06 16.76 -25.81
C LEU F 137 4.67 16.21 -27.17
N GLY F 138 3.45 16.51 -27.62
CA GLY F 138 3.01 16.10 -28.94
C GLY F 138 2.73 14.61 -29.09
N GLY F 139 2.40 13.96 -27.98
CA GLY F 139 2.04 12.55 -28.04
C GLY F 139 0.57 12.36 -28.36
N ASP F 140 0.23 11.22 -28.96
CA ASP F 140 -1.15 10.84 -29.25
C ASP F 140 -1.90 10.38 -28.00
N ILE F 141 -2.92 11.12 -27.58
CA ILE F 141 -3.70 10.74 -26.40
C ILE F 141 -5.13 10.35 -26.74
N SER F 142 -5.41 10.08 -28.01
CA SER F 142 -6.79 9.91 -28.45
C SER F 142 -7.46 8.66 -27.88
N LYS F 143 -6.69 7.70 -27.40
CA LYS F 143 -7.32 6.52 -26.83
C LYS F 143 -7.60 6.73 -25.33
N PHE F 144 -7.18 7.87 -24.79
CA PHE F 144 -7.37 8.15 -23.37
C PHE F 144 -8.45 9.20 -23.12
N VAL F 145 -8.85 9.90 -24.17
CA VAL F 145 -9.82 10.96 -24.02
C VAL F 145 -10.74 10.97 -25.22
N HIS F 146 -11.89 11.60 -25.04
CA HIS F 146 -12.84 11.86 -26.10
C HIS F 146 -12.18 12.80 -27.13
N PRO F 147 -12.53 12.65 -28.42
CA PRO F 147 -11.98 13.44 -29.52
C PRO F 147 -11.97 14.94 -29.30
N ALA F 148 -13.04 15.48 -28.72
CA ALA F 148 -13.12 16.91 -28.47
C ALA F 148 -12.08 17.32 -27.46
N VAL F 149 -11.79 16.43 -26.52
CA VAL F 149 -10.77 16.71 -25.52
C VAL F 149 -9.39 16.60 -26.16
N ALA F 150 -9.20 15.60 -27.00
CA ALA F 150 -7.95 15.45 -27.72
C ALA F 150 -7.64 16.71 -28.53
N ASP F 151 -8.66 17.17 -29.26
CA ASP F 151 -8.55 18.37 -30.07
C ASP F 151 -8.24 19.60 -29.23
N ALA F 152 -8.91 19.74 -28.10
CA ALA F 152 -8.70 20.89 -27.21
C ALA F 152 -7.27 20.93 -26.62
N LEU F 153 -6.76 19.77 -26.26
CA LEU F 153 -5.41 19.67 -25.71
C LEU F 153 -4.35 20.05 -26.77
N ALA F 154 -4.57 19.64 -28.01
CA ALA F 154 -3.64 19.97 -29.09
C ALA F 154 -3.54 21.48 -29.28
N GLU F 155 -4.69 22.15 -29.30
CA GLU F 155 -4.74 23.57 -29.54
C GLU F 155 -4.10 24.32 -28.38
N ARG F 156 -4.27 23.74 -27.19
CA ARG F 156 -3.82 24.34 -25.95
C ARG F 156 -2.31 24.54 -25.85
N PHE F 157 -1.56 23.68 -26.54
CA PHE F 157 -0.11 23.65 -26.45
C PHE F 157 0.54 24.26 -27.68
N LYS F 158 -0.23 25.04 -28.44
CA LYS F 158 0.28 25.78 -29.60
C LYS F 158 -0.56 27.03 -29.90
#